data_8YET
#
_entry.id   8YET
#
_cell.length_a   1.00
_cell.length_b   1.00
_cell.length_c   1.00
_cell.angle_alpha   90.00
_cell.angle_beta   90.00
_cell.angle_gamma   90.00
#
_symmetry.space_group_name_H-M   'P 1'
#
loop_
_entity.id
_entity.type
_entity.pdbx_description
1 polymer 'Solute carrier family 53 member 1'
2 non-polymer 'INOSITOL HEXAKISPHOSPHATE'
#
_entity_poly.entity_id   1
_entity_poly.type   'polypeptide(L)'
_entity_poly.pdbx_seq_one_letter_code
;MKFAEHLSAHITPEWRKQYIQYEAFKDMLYSAQDQAPSVEVTDEDTVKRYFAKFEEKFFQTCEKELAKINTFYSEKLAEA
QRRFATLQNELQSSLDAQKESTGVTTLRQRRKPVFHLSHEERVQHRNIKDLKLAFSEFYLSLILLQNYQNLNFTGFRKIL
KKHDKILETSRGADWRVAHVEVAPFYTCKKINQLISETEAVVTNELEDGDRQKAMKRLRVPPLGAAQPAPAWTTFRVGLF
CGIFIVLNITLVLAAVFKLETDRSIWPLIRIYRGGFLLIEFLFLLGINTYGWRQAGVNHVLIFELNPRSNLSHQHLFEIA
GFLGILWCLSLLACFFAPISVIPTYVYPLALYGFMVFFLINPTKTFYYKSRFWLLKLLFRVFTAPFHKVGFADFWLADQL
NSLSVILMDLEYMICFYSLELKWDESKGLLPNNSEESGICHKYTYGVRAIVQCIPAWLRFIQCLRRYRDTKRAFPHLVNA
GKYSTTFFMVTFAALYSTHKERGHSDTMVFFYLWIVFYIISSCYTLIWDLKMDWGLFDKNAGENTFLREEIVYPQKAYYY
CAIIEDVILRFAWTIQISITSTTLLPHSGDIIATVFAPLEVFRRFVWNFFRLENEHLNNCIHP
;
_entity_poly.pdbx_strand_id   A,B
#
# COMPACT_ATOMS: atom_id res chain seq x y z
N MET A 1 -23.44 1.30 -5.40
CA MET A 1 -22.17 1.24 -6.10
C MET A 1 -22.31 1.97 -7.43
N LYS A 2 -22.69 1.25 -8.48
CA LYS A 2 -22.99 1.83 -9.79
C LYS A 2 -21.78 2.56 -10.38
N PHE A 3 -21.99 3.25 -11.50
CA PHE A 3 -20.92 3.96 -12.17
C PHE A 3 -20.71 5.38 -11.63
N ALA A 4 -21.34 5.72 -10.51
CA ALA A 4 -21.21 7.05 -9.93
C ALA A 4 -19.76 7.37 -9.61
N GLU A 5 -19.15 6.61 -8.70
CA GLU A 5 -17.74 6.81 -8.39
C GLU A 5 -16.84 6.52 -9.57
N HIS A 6 -17.24 5.60 -10.45
CA HIS A 6 -16.45 5.33 -11.65
C HIS A 6 -16.26 6.60 -12.47
N LEU A 7 -17.36 7.28 -12.79
CA LEU A 7 -17.24 8.53 -13.54
C LEU A 7 -16.58 9.61 -12.68
N SER A 8 -16.95 9.71 -11.41
CA SER A 8 -16.39 10.75 -10.55
C SER A 8 -14.87 10.66 -10.46
N ALA A 9 -14.32 9.47 -10.67
CA ALA A 9 -12.88 9.31 -10.80
C ALA A 9 -12.40 9.48 -12.24
N HIS A 10 -13.23 9.15 -13.22
CA HIS A 10 -12.81 9.18 -14.62
C HIS A 10 -13.13 10.49 -15.34
N ILE A 11 -13.86 11.42 -14.71
CA ILE A 11 -14.13 12.70 -15.36
C ILE A 11 -12.86 13.53 -15.44
N THR A 12 -12.55 14.02 -16.64
CA THR A 12 -11.50 15.00 -16.81
C THR A 12 -11.92 16.30 -16.12
N PRO A 13 -11.04 16.92 -15.32
CA PRO A 13 -11.46 18.14 -14.60
C PRO A 13 -11.92 19.26 -15.51
N GLU A 14 -11.11 19.64 -16.50
CA GLU A 14 -11.39 20.83 -17.30
C GLU A 14 -12.63 20.71 -18.17
N TRP A 15 -13.30 19.56 -18.17
CA TRP A 15 -14.56 19.38 -18.88
C TRP A 15 -15.63 18.79 -17.97
N ARG A 16 -15.51 19.00 -16.66
CA ARG A 16 -16.37 18.31 -15.71
C ARG A 16 -17.85 18.63 -15.94
N LYS A 17 -18.16 19.89 -16.27
CA LYS A 17 -19.54 20.26 -16.51
C LYS A 17 -20.11 19.59 -17.75
N GLN A 18 -19.26 19.23 -18.71
CA GLN A 18 -19.74 18.67 -19.97
C GLN A 18 -20.21 17.23 -19.85
N TYR A 19 -19.79 16.51 -18.81
CA TYR A 19 -20.18 15.12 -18.65
C TYR A 19 -21.64 15.02 -18.22
N ILE A 20 -22.09 13.79 -18.02
CA ILE A 20 -23.48 13.55 -17.65
C ILE A 20 -23.70 13.93 -16.19
N GLN A 21 -24.76 14.68 -15.93
CA GLN A 21 -25.19 14.98 -14.56
C GLN A 21 -26.01 13.79 -14.03
N TYR A 22 -25.34 12.64 -14.00
CA TYR A 22 -26.00 11.37 -13.65
C TYR A 22 -26.53 11.39 -12.23
N GLU A 23 -25.82 12.01 -11.29
CA GLU A 23 -26.26 12.04 -9.90
C GLU A 23 -27.62 12.75 -9.77
N ALA A 24 -27.78 13.86 -10.48
CA ALA A 24 -29.06 14.55 -10.47
C ALA A 24 -30.16 13.65 -11.02
N PHE A 25 -29.86 12.90 -12.08
CA PHE A 25 -30.85 11.97 -12.63
C PHE A 25 -31.24 10.91 -11.61
N LYS A 26 -30.25 10.32 -10.93
CA LYS A 26 -30.56 9.37 -9.87
C LYS A 26 -31.54 10.00 -8.89
N ASP A 27 -31.14 11.13 -8.30
CA ASP A 27 -31.91 11.67 -7.18
C ASP A 27 -33.30 12.14 -7.62
N MET A 28 -33.43 12.66 -8.84
CA MET A 28 -34.76 13.05 -9.29
C MET A 28 -35.65 11.84 -9.52
N LEU A 29 -35.09 10.74 -10.05
CA LEU A 29 -35.89 9.53 -10.20
C LEU A 29 -36.28 8.94 -8.85
N TYR A 30 -35.36 8.97 -7.87
CA TYR A 30 -35.71 8.50 -6.53
C TYR A 30 -36.80 9.36 -5.91
N SER A 31 -36.71 10.68 -6.10
CA SER A 31 -37.76 11.57 -5.59
C SER A 31 -39.09 11.27 -6.27
N ALA A 32 -39.07 11.02 -7.58
CA ALA A 32 -40.30 10.67 -8.30
C ALA A 32 -40.90 9.39 -7.75
N GLN A 33 -40.07 8.39 -7.49
CA GLN A 33 -40.58 7.12 -6.96
C GLN A 33 -41.13 7.30 -5.55
N ASP A 34 -40.44 8.09 -4.71
CA ASP A 34 -40.84 8.23 -3.31
C ASP A 34 -42.10 9.07 -3.17
N GLN A 35 -42.26 10.09 -4.00
CA GLN A 35 -43.38 11.03 -3.85
C GLN A 35 -44.72 10.37 -4.14
N ALA A 36 -44.73 9.21 -4.80
CA ALA A 36 -45.97 8.54 -5.13
C ALA A 36 -46.72 8.14 -3.86
N PRO A 37 -47.97 8.58 -3.67
CA PRO A 37 -48.70 8.21 -2.46
C PRO A 37 -49.17 6.76 -2.47
N SER A 38 -49.95 6.38 -1.47
CA SER A 38 -50.45 5.02 -1.39
C SER A 38 -51.50 4.76 -2.46
N VAL A 39 -51.75 3.47 -2.72
CA VAL A 39 -52.69 3.08 -3.77
C VAL A 39 -54.11 3.52 -3.40
N GLU A 40 -54.50 3.33 -2.14
CA GLU A 40 -55.87 3.63 -1.74
C GLU A 40 -56.11 5.13 -1.60
N VAL A 41 -55.05 5.90 -1.30
CA VAL A 41 -55.22 7.33 -1.05
C VAL A 41 -55.68 8.05 -2.32
N THR A 42 -55.06 7.74 -3.46
CA THR A 42 -55.30 8.45 -4.70
C THR A 42 -55.76 7.50 -5.78
N ASP A 43 -56.54 8.02 -6.74
CA ASP A 43 -57.03 7.21 -7.84
C ASP A 43 -55.90 6.88 -8.81
N GLU A 44 -56.08 5.78 -9.55
CA GLU A 44 -55.05 5.34 -10.47
C GLU A 44 -54.84 6.33 -11.61
N ASP A 45 -55.86 7.14 -11.92
CA ASP A 45 -55.70 8.14 -12.97
C ASP A 45 -54.68 9.19 -12.58
N THR A 46 -54.73 9.66 -11.33
CA THR A 46 -53.74 10.62 -10.86
C THR A 46 -52.35 10.02 -10.84
N VAL A 47 -52.23 8.76 -10.43
CA VAL A 47 -50.95 8.09 -10.41
C VAL A 47 -50.38 7.99 -11.82
N LYS A 48 -51.22 7.61 -12.79
CA LYS A 48 -50.77 7.47 -14.17
C LYS A 48 -50.38 8.81 -14.77
N ARG A 49 -51.14 9.87 -14.48
CA ARG A 49 -50.75 11.18 -15.01
C ARG A 49 -49.48 11.68 -14.35
N TYR A 50 -49.25 11.32 -13.09
CA TYR A 50 -47.98 11.63 -12.45
C TYR A 50 -46.82 10.97 -13.18
N PHE A 51 -46.93 9.67 -13.44
CA PHE A 51 -45.88 9.00 -14.21
C PHE A 51 -45.72 9.61 -15.60
N ALA A 52 -46.82 9.94 -16.26
CA ALA A 52 -46.73 10.50 -17.61
C ALA A 52 -46.00 11.84 -17.62
N LYS A 53 -46.39 12.75 -16.71
CA LYS A 53 -45.76 14.06 -16.67
C LYS A 53 -44.30 13.97 -16.28
N PHE A 54 -43.96 13.10 -15.32
CA PHE A 54 -42.56 13.01 -14.93
C PHE A 54 -41.72 12.32 -16.01
N GLU A 55 -42.31 11.37 -16.75
CA GLU A 55 -41.61 10.81 -17.89
C GLU A 55 -41.36 11.85 -18.96
N GLU A 56 -42.35 12.71 -19.22
CA GLU A 56 -42.17 13.77 -20.20
C GLU A 56 -41.07 14.74 -19.78
N LYS A 57 -41.05 15.11 -18.50
CA LYS A 57 -39.99 16.00 -18.02
C LYS A 57 -38.62 15.34 -18.09
N PHE A 58 -38.54 14.05 -17.75
CA PHE A 58 -37.29 13.33 -17.87
C PHE A 58 -36.80 13.31 -19.30
N PHE A 59 -37.70 13.04 -20.25
CA PHE A 59 -37.32 13.04 -21.65
C PHE A 59 -36.88 14.41 -22.12
N GLN A 60 -37.55 15.46 -21.66
CA GLN A 60 -37.14 16.83 -22.00
C GLN A 60 -35.73 17.11 -21.51
N THR A 61 -35.45 16.77 -20.25
CA THR A 61 -34.12 17.03 -19.69
C THR A 61 -33.06 16.22 -20.41
N CYS A 62 -33.36 14.96 -20.73
CA CYS A 62 -32.38 14.13 -21.42
C CYS A 62 -32.12 14.64 -22.84
N GLU A 63 -33.18 15.13 -23.51
CA GLU A 63 -33.00 15.72 -24.82
C GLU A 63 -32.12 16.97 -24.75
N LYS A 64 -32.34 17.81 -23.75
CA LYS A 64 -31.53 19.01 -23.60
C LYS A 64 -30.06 18.65 -23.39
N GLU A 65 -29.80 17.68 -22.48
CA GLU A 65 -28.41 17.34 -22.18
C GLU A 65 -27.74 16.67 -23.38
N LEU A 66 -28.47 15.82 -24.12
CA LEU A 66 -27.87 15.19 -25.28
C LEU A 66 -27.59 16.22 -26.37
N ALA A 67 -28.47 17.20 -26.54
CA ALA A 67 -28.22 18.26 -27.51
C ALA A 67 -26.97 19.05 -27.14
N LYS A 68 -26.82 19.36 -25.85
CA LYS A 68 -25.62 20.04 -25.40
C LYS A 68 -24.38 19.19 -25.68
N ILE A 69 -24.47 17.88 -25.42
CA ILE A 69 -23.33 17.00 -25.64
C ILE A 69 -22.97 16.92 -27.12
N ASN A 70 -23.99 16.84 -27.99
CA ASN A 70 -23.72 16.80 -29.43
C ASN A 70 -23.04 18.09 -29.90
N THR A 71 -23.53 19.25 -29.44
CA THR A 71 -22.90 20.50 -29.83
C THR A 71 -21.46 20.56 -29.33
N PHE A 72 -21.23 20.14 -28.09
CA PHE A 72 -19.88 20.13 -27.52
C PHE A 72 -18.96 19.22 -28.32
N TYR A 73 -19.44 18.02 -28.67
CA TYR A 73 -18.63 17.08 -29.43
C TYR A 73 -18.34 17.61 -30.83
N SER A 74 -19.32 18.25 -31.46
CA SER A 74 -19.09 18.80 -32.79
C SER A 74 -18.03 19.88 -32.76
N GLU A 75 -18.10 20.79 -31.78
CA GLU A 75 -17.08 21.83 -31.67
C GLU A 75 -15.71 21.23 -31.38
N LYS A 76 -15.67 20.23 -30.51
CA LYS A 76 -14.40 19.58 -30.18
C LYS A 76 -13.80 18.90 -31.41
N LEU A 77 -14.63 18.22 -32.19
CA LEU A 77 -14.14 17.57 -33.40
C LEU A 77 -13.65 18.59 -34.42
N ALA A 78 -14.35 19.72 -34.55
CA ALA A 78 -13.92 20.74 -35.48
C ALA A 78 -12.55 21.30 -35.09
N GLU A 79 -12.38 21.63 -33.82
CA GLU A 79 -11.07 22.15 -33.40
C GLU A 79 -9.99 21.09 -33.46
N ALA A 80 -10.34 19.81 -33.21
CA ALA A 80 -9.37 18.74 -33.36
C ALA A 80 -8.91 18.62 -34.80
N GLN A 81 -9.85 18.71 -35.75
CA GLN A 81 -9.49 18.63 -37.16
C GLN A 81 -8.61 19.81 -37.58
N ARG A 82 -8.95 21.02 -37.12
CA ARG A 82 -8.14 22.18 -37.48
C ARG A 82 -6.73 22.08 -36.87
N ARG A 83 -6.64 21.59 -35.63
CA ARG A 83 -5.34 21.39 -35.01
C ARG A 83 -4.54 20.31 -35.75
N PHE A 84 -5.22 19.25 -36.19
CA PHE A 84 -4.55 18.21 -36.97
C PHE A 84 -4.00 18.77 -38.27
N ALA A 85 -4.79 19.60 -38.96
CA ALA A 85 -4.29 20.22 -40.18
C ALA A 85 -3.09 21.12 -39.90
N THR A 86 -3.16 21.90 -38.82
CA THR A 86 -2.05 22.79 -38.49
C THR A 86 -0.78 22.01 -38.19
N LEU A 87 -0.88 20.93 -37.41
CA LEU A 87 0.30 20.14 -37.08
C LEU A 87 0.82 19.40 -38.31
N GLN A 88 -0.08 18.98 -39.21
CA GLN A 88 0.37 18.35 -40.44
C GLN A 88 1.17 19.34 -41.28
N ASN A 89 0.69 20.59 -41.38
CA ASN A 89 1.43 21.61 -42.11
C ASN A 89 2.79 21.88 -41.47
N GLU A 90 2.84 21.96 -40.13
CA GLU A 90 4.11 22.20 -39.45
C GLU A 90 5.08 21.05 -39.68
N LEU A 91 4.58 19.81 -39.62
CA LEU A 91 5.42 18.65 -39.88
C LEU A 91 5.95 18.67 -41.32
N GLN A 92 5.09 19.01 -42.27
CA GLN A 92 5.53 19.06 -43.67
C GLN A 92 6.63 20.11 -43.84
N SER A 93 6.43 21.29 -43.24
CA SER A 93 7.45 22.33 -43.32
C SER A 93 8.76 21.87 -42.69
N SER A 94 8.68 21.24 -41.52
CA SER A 94 9.90 20.78 -40.85
C SER A 94 10.63 19.74 -41.68
N LEU A 95 9.90 18.78 -42.25
CA LEU A 95 10.55 17.71 -43.00
C LEU A 95 11.13 18.22 -44.31
N ASP A 96 10.43 19.15 -44.98
CA ASP A 96 10.98 19.67 -46.23
C ASP A 96 12.18 20.59 -45.97
N ALA A 97 12.20 21.27 -44.82
CA ALA A 97 13.38 22.03 -44.45
C ALA A 97 14.55 21.10 -44.12
N GLN A 98 14.26 19.98 -43.45
CA GLN A 98 15.31 19.02 -43.11
C GLN A 98 15.88 18.38 -44.37
N LYS A 99 15.03 18.04 -45.34
CA LYS A 99 15.51 17.34 -46.53
C LYS A 99 16.49 18.18 -47.32
N GLU A 100 16.22 19.48 -47.48
CA GLU A 100 17.10 20.35 -48.23
C GLU A 100 18.34 20.71 -47.42
N SER A 118 25.61 21.28 -36.99
CA SER A 118 25.58 22.72 -37.22
C SER A 118 24.38 23.36 -36.53
N HIS A 119 24.27 24.68 -36.63
CA HIS A 119 23.14 25.39 -36.02
C HIS A 119 21.83 24.96 -36.67
N GLU A 120 21.82 24.79 -38.00
CA GLU A 120 20.61 24.35 -38.67
C GLU A 120 20.19 22.95 -38.21
N GLU A 121 21.16 22.05 -38.03
CA GLU A 121 20.85 20.72 -37.56
C GLU A 121 20.29 20.74 -36.14
N ARG A 122 20.85 21.59 -35.28
CA ARG A 122 20.33 21.70 -33.92
C ARG A 122 18.93 22.29 -33.91
N VAL A 123 18.67 23.26 -34.79
CA VAL A 123 17.32 23.82 -34.91
C VAL A 123 16.35 22.75 -35.36
N GLN A 124 16.74 21.93 -36.34
CA GLN A 124 15.90 20.83 -36.78
C GLN A 124 15.65 19.83 -35.65
N HIS A 125 16.68 19.55 -34.85
CA HIS A 125 16.52 18.61 -33.75
C HIS A 125 15.55 19.12 -32.70
N ARG A 126 15.68 20.40 -32.31
CA ARG A 126 14.74 20.93 -31.33
C ARG A 126 13.35 21.03 -31.92
N ASN A 127 13.24 21.32 -33.22
CA ASN A 127 11.93 21.31 -33.88
C ASN A 127 11.29 19.94 -33.83
N ILE A 128 12.04 18.89 -34.14
CA ILE A 128 11.44 17.55 -34.17
C ILE A 128 11.08 17.09 -32.77
N LYS A 129 11.90 17.44 -31.76
CA LYS A 129 11.53 17.09 -30.40
C LYS A 129 10.27 17.84 -29.95
N ASP A 130 10.17 19.12 -30.27
CA ASP A 130 8.97 19.88 -29.92
C ASP A 130 7.74 19.34 -30.65
N LEU A 131 7.93 18.92 -31.91
CA LEU A 131 6.82 18.35 -32.66
C LEU A 131 6.40 17.00 -32.11
N LYS A 132 7.37 16.21 -31.63
CA LYS A 132 7.02 14.97 -30.94
C LYS A 132 6.21 15.24 -29.68
N LEU A 133 6.60 16.27 -28.92
CA LEU A 133 5.82 16.64 -27.74
C LEU A 133 4.42 17.09 -28.13
N ALA A 134 4.31 17.86 -29.21
CA ALA A 134 3.00 18.33 -29.68
C ALA A 134 2.12 17.15 -30.10
N PHE A 135 2.71 16.18 -30.80
CA PHE A 135 1.97 14.99 -31.18
C PHE A 135 1.55 14.19 -29.95
N SER A 136 2.41 14.16 -28.92
CA SER A 136 2.04 13.50 -27.67
C SER A 136 0.81 14.15 -27.05
N GLU A 137 0.83 15.48 -26.96
CA GLU A 137 -0.31 16.19 -26.40
C GLU A 137 -1.56 15.97 -27.24
N PHE A 138 -1.42 15.99 -28.57
CA PHE A 138 -2.56 15.75 -29.46
C PHE A 138 -3.14 14.36 -29.26
N TYR A 139 -2.28 13.35 -29.18
CA TYR A 139 -2.76 11.98 -28.96
C TYR A 139 -3.47 11.86 -27.63
N LEU A 140 -2.92 12.49 -26.58
CA LEU A 140 -3.59 12.50 -25.29
C LEU A 140 -4.97 13.15 -25.38
N SER A 141 -5.07 14.26 -26.10
CA SER A 141 -6.35 14.94 -26.23
C SER A 141 -7.37 14.09 -26.97
N LEU A 142 -6.95 13.42 -28.05
CA LEU A 142 -7.89 12.58 -28.80
C LEU A 142 -8.32 11.36 -28.00
N ILE A 143 -7.40 10.77 -27.23
CA ILE A 143 -7.79 9.66 -26.36
C ILE A 143 -8.74 10.15 -25.27
N LEU A 144 -8.52 11.36 -24.76
CA LEU A 144 -9.46 11.94 -23.80
C LEU A 144 -10.84 12.12 -24.42
N LEU A 145 -10.88 12.56 -25.68
CA LEU A 145 -12.17 12.70 -26.37
C LEU A 145 -12.84 11.34 -26.52
N GLN A 146 -12.08 10.31 -26.87
CA GLN A 146 -12.65 8.97 -26.99
C GLN A 146 -13.20 8.48 -25.65
N ASN A 147 -12.46 8.72 -24.57
CA ASN A 147 -12.93 8.35 -23.25
C ASN A 147 -14.21 9.10 -22.89
N TYR A 148 -14.26 10.39 -23.22
CA TYR A 148 -15.48 11.17 -23.00
C TYR A 148 -16.66 10.57 -23.73
N GLN A 149 -16.49 10.26 -25.02
CA GLN A 149 -17.60 9.72 -25.80
C GLN A 149 -18.06 8.37 -25.27
N ASN A 150 -17.10 7.49 -24.95
CA ASN A 150 -17.45 6.17 -24.44
C ASN A 150 -18.14 6.27 -23.09
N LEU A 151 -17.65 7.13 -22.20
CA LEU A 151 -18.28 7.31 -20.89
C LEU A 151 -19.69 7.87 -21.04
N ASN A 152 -19.88 8.82 -21.94
CA ASN A 152 -21.21 9.38 -22.15
C ASN A 152 -22.18 8.32 -22.68
N PHE A 153 -21.74 7.52 -23.64
CA PHE A 153 -22.61 6.46 -24.16
C PHE A 153 -22.94 5.43 -23.08
N THR A 154 -21.93 5.05 -22.28
CA THR A 154 -22.17 4.11 -21.20
C THR A 154 -23.14 4.68 -20.18
N GLY A 155 -22.99 5.96 -19.85
CA GLY A 155 -23.91 6.59 -18.91
C GLY A 155 -25.33 6.66 -19.44
N PHE A 156 -25.48 6.98 -20.72
CA PHE A 156 -26.81 6.99 -21.33
C PHE A 156 -27.46 5.62 -21.22
N ARG A 157 -26.76 4.58 -21.67
CA ARG A 157 -27.35 3.24 -21.62
C ARG A 157 -27.64 2.82 -20.19
N LYS A 158 -26.77 3.22 -19.25
CA LYS A 158 -26.93 2.85 -17.85
C LYS A 158 -28.17 3.52 -17.26
N ILE A 159 -28.31 4.82 -17.43
CA ILE A 159 -29.44 5.53 -16.84
C ILE A 159 -30.73 5.09 -17.52
N LEU A 160 -30.67 4.76 -18.81
CA LEU A 160 -31.86 4.31 -19.51
C LEU A 160 -32.32 2.94 -19.01
N LYS A 161 -31.38 2.01 -18.79
CA LYS A 161 -31.81 0.71 -18.28
C LYS A 161 -32.27 0.83 -16.83
N LYS A 162 -31.66 1.73 -16.06
CA LYS A 162 -32.12 1.98 -14.70
C LYS A 162 -33.55 2.51 -14.70
N HIS A 163 -33.83 3.46 -15.59
CA HIS A 163 -35.19 4.01 -15.68
C HIS A 163 -36.17 2.93 -16.11
N ASP A 164 -35.77 2.08 -17.06
CA ASP A 164 -36.63 1.00 -17.50
C ASP A 164 -36.93 0.01 -16.37
N LYS A 165 -35.93 -0.31 -15.55
CA LYS A 165 -36.17 -1.27 -14.47
C LYS A 165 -37.02 -0.66 -13.36
N ILE A 166 -36.80 0.61 -13.02
CA ILE A 166 -37.57 1.21 -11.94
C ILE A 166 -39.00 1.51 -12.37
N LEU A 167 -39.20 1.93 -13.62
CA LEU A 167 -40.53 2.19 -14.15
C LEU A 167 -41.18 0.97 -14.78
N GLU A 168 -40.53 -0.19 -14.70
CA GLU A 168 -41.01 -1.46 -15.25
C GLU A 168 -41.64 -1.32 -16.64
N THR A 169 -41.08 -0.45 -17.47
CA THR A 169 -41.54 -0.23 -18.83
C THR A 169 -40.38 -0.39 -19.79
N SER A 170 -40.71 -0.58 -21.07
CA SER A 170 -39.72 -0.74 -22.12
C SER A 170 -39.53 0.52 -22.94
N ARG A 171 -40.08 1.65 -22.50
CA ARG A 171 -39.95 2.89 -23.26
C ARG A 171 -38.50 3.35 -23.37
N GLY A 172 -37.69 3.03 -22.35
CA GLY A 172 -36.30 3.49 -22.36
C GLY A 172 -35.49 2.92 -23.50
N ALA A 173 -35.67 1.62 -23.78
CA ALA A 173 -34.92 0.99 -24.86
C ALA A 173 -35.29 1.57 -26.22
N ASP A 174 -36.58 1.76 -26.47
CA ASP A 174 -37.01 2.37 -27.73
C ASP A 174 -36.49 3.79 -27.85
N TRP A 175 -36.56 4.56 -26.77
CA TRP A 175 -36.03 5.92 -26.80
C TRP A 175 -34.53 5.91 -27.10
N ARG A 176 -33.80 4.99 -26.47
CA ARG A 176 -32.35 4.91 -26.67
C ARG A 176 -32.02 4.57 -28.12
N VAL A 177 -32.69 3.56 -28.67
CA VAL A 177 -32.38 3.15 -30.04
C VAL A 177 -32.82 4.21 -31.04
N ALA A 178 -33.86 4.98 -30.72
CA ALA A 178 -34.30 6.03 -31.63
C ALA A 178 -33.46 7.30 -31.52
N HIS A 179 -32.82 7.53 -30.37
CA HIS A 179 -32.08 8.77 -30.15
C HIS A 179 -30.59 8.56 -29.99
N VAL A 180 -30.17 7.71 -29.06
CA VAL A 180 -28.75 7.57 -28.77
C VAL A 180 -28.02 6.86 -29.91
N GLU A 181 -28.65 5.82 -30.48
CA GLU A 181 -27.99 5.08 -31.55
C GLU A 181 -27.78 5.94 -32.79
N VAL A 182 -28.71 6.85 -33.06
CA VAL A 182 -28.59 7.74 -34.22
C VAL A 182 -27.90 9.05 -33.86
N ALA A 183 -27.56 9.25 -32.59
CA ALA A 183 -26.97 10.51 -32.17
C ALA A 183 -25.65 10.74 -32.89
N PRO A 184 -25.41 11.97 -33.39
CA PRO A 184 -24.22 12.21 -34.21
C PRO A 184 -22.90 11.92 -33.52
N PHE A 185 -22.82 12.11 -32.20
CA PHE A 185 -21.54 11.93 -31.52
C PHE A 185 -21.09 10.47 -31.56
N TYR A 186 -22.03 9.54 -31.45
CA TYR A 186 -21.66 8.12 -31.47
C TYR A 186 -21.51 7.61 -32.90
N THR A 187 -22.35 8.09 -33.82
CA THR A 187 -22.30 7.62 -35.20
C THR A 187 -21.04 8.11 -35.92
N CYS A 188 -20.44 9.20 -35.47
CA CYS A 188 -19.26 9.75 -36.13
C CYS A 188 -18.04 8.94 -35.71
N LYS A 189 -17.51 8.14 -36.63
CA LYS A 189 -16.34 7.31 -36.37
C LYS A 189 -15.05 7.94 -36.87
N LYS A 190 -15.09 9.22 -37.24
CA LYS A 190 -13.89 9.92 -37.70
C LYS A 190 -12.80 9.94 -36.64
N ILE A 191 -13.16 9.75 -35.36
CA ILE A 191 -12.17 9.76 -34.30
C ILE A 191 -11.18 8.61 -34.46
N ASN A 192 -11.67 7.43 -34.90
CA ASN A 192 -10.79 6.29 -35.09
C ASN A 192 -9.88 6.49 -36.28
N GLN A 193 -10.41 7.05 -37.38
CA GLN A 193 -9.55 7.40 -38.50
C GLN A 193 -8.50 8.42 -38.08
N LEU A 194 -8.87 9.36 -37.22
CA LEU A 194 -7.92 10.35 -36.75
C LEU A 194 -6.78 9.69 -35.97
N ILE A 195 -7.11 8.83 -35.00
CA ILE A 195 -6.06 8.21 -34.20
C ILE A 195 -5.20 7.30 -35.06
N SER A 196 -5.82 6.59 -36.02
CA SER A 196 -5.05 5.72 -36.90
C SER A 196 -4.10 6.54 -37.78
N GLU A 197 -4.56 7.66 -38.31
CA GLU A 197 -3.70 8.51 -39.14
C GLU A 197 -2.55 9.07 -38.32
N THR A 198 -2.82 9.53 -37.09
CA THR A 198 -1.74 10.04 -36.25
C THR A 198 -0.73 8.95 -35.94
N GLU A 199 -1.21 7.74 -35.61
CA GLU A 199 -0.30 6.65 -35.31
C GLU A 199 0.55 6.30 -36.52
N ALA A 200 -0.06 6.24 -37.70
CA ALA A 200 0.69 5.92 -38.91
C ALA A 200 1.73 6.98 -39.22
N VAL A 201 1.36 8.26 -39.07
CA VAL A 201 2.30 9.35 -39.34
C VAL A 201 3.47 9.29 -38.36
N VAL A 202 3.18 9.06 -37.08
CA VAL A 202 4.25 8.98 -36.09
C VAL A 202 5.17 7.82 -36.38
N THR A 203 4.60 6.66 -36.73
CA THR A 203 5.42 5.49 -37.03
C THR A 203 6.30 5.71 -38.25
N ASN A 204 5.75 6.31 -39.30
CA ASN A 204 6.47 6.39 -40.57
C ASN A 204 7.41 7.58 -40.62
N GLU A 205 6.87 8.79 -40.49
CA GLU A 205 7.67 9.99 -40.71
C GLU A 205 8.69 10.20 -39.60
N LEU A 206 8.30 9.97 -38.35
CA LEU A 206 9.16 10.30 -37.23
C LEU A 206 9.99 9.10 -36.76
N GLU A 207 9.34 8.00 -36.41
CA GLU A 207 10.01 6.84 -35.85
C GLU A 207 10.62 5.94 -36.91
N ASP A 208 10.42 6.25 -38.19
CA ASP A 208 11.02 5.51 -39.30
C ASP A 208 10.66 4.02 -39.26
N GLY A 209 9.38 3.74 -39.01
CA GLY A 209 8.88 2.38 -39.03
C GLY A 209 8.91 1.67 -37.69
N ASP A 210 9.53 2.26 -36.67
CA ASP A 210 9.60 1.64 -35.34
C ASP A 210 8.26 1.89 -34.65
N ARG A 211 7.32 0.97 -34.86
CA ARG A 211 6.01 1.08 -34.21
C ARG A 211 6.10 0.92 -32.70
N GLN A 212 7.03 0.10 -32.21
CA GLN A 212 7.16 -0.13 -30.78
C GLN A 212 7.54 1.15 -30.05
N LYS A 213 8.59 1.83 -30.51
CA LYS A 213 8.98 3.09 -29.92
C LYS A 213 7.87 4.12 -30.08
N ALA A 214 7.18 4.08 -31.22
CA ALA A 214 6.11 5.03 -31.49
C ALA A 214 5.00 4.92 -30.44
N MET A 215 4.55 3.70 -30.14
CA MET A 215 3.51 3.58 -29.13
C MET A 215 4.03 3.80 -27.71
N LYS A 216 5.24 3.33 -27.40
CA LYS A 216 5.76 3.51 -26.05
C LYS A 216 5.96 4.98 -25.72
N ARG A 217 6.36 5.80 -26.70
CA ARG A 217 6.40 7.24 -26.47
C ARG A 217 4.99 7.81 -26.36
N LEU A 218 4.02 7.21 -27.05
CA LEU A 218 2.65 7.69 -27.07
C LEU A 218 1.73 6.90 -26.16
N ARG A 219 2.29 6.06 -25.28
CA ARG A 219 1.48 5.31 -24.34
C ARG A 219 0.71 6.25 -23.41
N VAL A 220 -0.51 5.86 -23.06
CA VAL A 220 -1.33 6.63 -22.13
C VAL A 220 -1.66 5.77 -20.92
N PRO A 221 -1.05 6.03 -19.77
CA PRO A 221 -1.39 5.28 -18.56
C PRO A 221 -2.80 5.59 -18.12
N PRO A 222 -3.44 4.70 -17.36
CA PRO A 222 -4.83 4.95 -16.93
C PRO A 222 -4.94 6.07 -15.92
N LEU A 223 -4.84 7.32 -16.39
CA LEU A 223 -5.00 8.46 -15.51
C LEU A 223 -6.43 8.54 -14.96
N GLY A 224 -7.41 8.09 -15.75
CA GLY A 224 -8.79 8.15 -15.30
C GLY A 224 -9.05 7.27 -14.08
N ALA A 225 -8.37 6.13 -14.00
CA ALA A 225 -8.53 5.21 -12.88
C ALA A 225 -7.57 5.55 -11.74
N ALA A 226 -7.61 6.80 -11.28
CA ALA A 226 -6.78 7.29 -10.19
C ALA A 226 -5.30 7.01 -10.46
N GLN A 227 -4.68 6.22 -9.59
CA GLN A 227 -3.28 5.85 -9.75
C GLN A 227 -2.97 4.57 -8.99
N PRO A 228 -2.46 3.54 -9.67
CA PRO A 228 -2.09 2.28 -8.99
C PRO A 228 -0.75 2.38 -8.26
N ALA A 229 -0.81 2.90 -7.04
CA ALA A 229 0.40 3.07 -6.24
C ALA A 229 0.90 1.70 -5.78
N PRO A 230 2.17 1.36 -6.03
CA PRO A 230 2.69 0.07 -5.57
C PRO A 230 2.67 -0.03 -4.05
N ALA A 231 2.44 -1.25 -3.56
CA ALA A 231 2.37 -1.46 -2.12
C ALA A 231 3.72 -1.25 -1.46
N TRP A 232 4.82 -1.46 -2.19
CA TRP A 232 6.14 -1.28 -1.61
C TRP A 232 6.36 0.17 -1.16
N THR A 233 5.91 1.13 -1.96
CA THR A 233 6.06 2.52 -1.58
C THR A 233 5.30 2.84 -0.29
N THR A 234 4.07 2.35 -0.18
CA THR A 234 3.29 2.58 1.03
C THR A 234 3.96 1.92 2.25
N PHE A 235 4.46 0.70 2.07
CA PHE A 235 5.16 0.03 3.16
C PHE A 235 6.39 0.81 3.60
N ARG A 236 7.17 1.33 2.65
CA ARG A 236 8.34 2.11 2.99
C ARG A 236 7.95 3.38 3.73
N VAL A 237 6.87 4.04 3.28
CA VAL A 237 6.42 5.26 3.95
C VAL A 237 6.04 4.95 5.40
N GLY A 238 5.30 3.86 5.61
CA GLY A 238 4.94 3.48 6.97
C GLY A 238 6.15 3.19 7.83
N LEU A 239 7.11 2.44 7.29
CA LEU A 239 8.32 2.13 8.05
C LEU A 239 9.07 3.40 8.45
N PHE A 240 9.26 4.32 7.50
CA PHE A 240 9.98 5.54 7.81
C PHE A 240 9.24 6.38 8.83
N CYS A 241 7.91 6.48 8.70
CA CYS A 241 7.14 7.26 9.68
C CYS A 241 7.25 6.67 11.07
N GLY A 242 7.17 5.34 11.19
CA GLY A 242 7.29 4.72 12.50
C GLY A 242 8.64 4.93 13.13
N ILE A 243 9.71 4.71 12.35
CA ILE A 243 11.05 4.91 12.90
C ILE A 243 11.23 6.38 13.29
N PHE A 244 10.69 7.30 12.49
CA PHE A 244 10.83 8.72 12.80
C PHE A 244 10.12 9.08 14.09
N ILE A 245 8.89 8.58 14.29
CA ILE A 245 8.16 8.95 15.49
C ILE A 245 8.81 8.36 16.74
N VAL A 246 9.33 7.12 16.64
CA VAL A 246 9.97 6.54 17.81
C VAL A 246 11.27 7.27 18.13
N LEU A 247 12.04 7.62 17.10
CA LEU A 247 13.26 8.39 17.33
C LEU A 247 12.94 9.75 17.94
N ASN A 248 11.84 10.38 17.50
CA ASN A 248 11.44 11.65 18.08
C ASN A 248 11.13 11.51 19.57
N ILE A 249 10.38 10.46 19.93
CA ILE A 249 10.04 10.26 21.33
C ILE A 249 11.29 10.02 22.17
N THR A 250 12.19 9.16 21.69
CA THR A 250 13.39 8.88 22.48
C THR A 250 14.29 10.11 22.57
N LEU A 251 14.32 10.95 21.52
CA LEU A 251 15.07 12.19 21.59
C LEU A 251 14.49 13.13 22.63
N VAL A 252 13.15 13.23 22.70
CA VAL A 252 12.53 14.07 23.71
C VAL A 252 12.92 13.60 25.11
N LEU A 253 12.79 12.29 25.36
CA LEU A 253 13.14 11.77 26.68
C LEU A 253 14.61 11.99 27.01
N ALA A 254 15.50 11.76 26.03
CA ALA A 254 16.93 11.93 26.29
C ALA A 254 17.26 13.40 26.56
N ALA A 255 16.63 14.32 25.84
CA ALA A 255 16.86 15.74 26.10
C ALA A 255 16.36 16.14 27.48
N VAL A 256 15.20 15.62 27.88
CA VAL A 256 14.67 15.98 29.20
C VAL A 256 15.57 15.44 30.31
N PHE A 257 16.04 14.20 30.17
CA PHE A 257 16.76 13.53 31.26
C PHE A 257 18.28 13.59 31.12
N LYS A 258 18.82 13.08 30.01
CA LYS A 258 20.26 12.87 29.90
C LYS A 258 21.04 14.16 29.71
N LEU A 259 20.38 15.29 29.45
CA LEU A 259 21.05 16.54 29.19
C LEU A 259 21.06 17.41 30.44
N GLU A 260 22.22 18.00 30.74
CA GLU A 260 22.35 18.94 31.84
C GLU A 260 22.39 20.37 31.28
N THR A 261 22.47 21.34 32.18
CA THR A 261 22.46 22.75 31.81
C THR A 261 23.63 23.46 32.50
N ASP A 262 24.72 23.63 31.76
CA ASP A 262 25.87 24.40 32.24
C ASP A 262 26.40 25.42 31.23
N ARG A 263 26.08 25.27 29.94
CA ARG A 263 26.49 26.25 28.94
C ARG A 263 25.38 26.52 27.93
N SER A 264 24.12 26.35 28.31
CA SER A 264 22.97 26.56 27.44
C SER A 264 22.95 25.59 26.26
N ILE A 265 21.90 25.66 25.44
CA ILE A 265 21.76 24.80 24.28
C ILE A 265 21.55 25.59 23.00
N TRP A 266 21.71 26.92 23.06
CA TRP A 266 21.50 27.75 21.88
C TRP A 266 22.42 27.41 20.71
N PRO A 267 23.76 27.23 20.91
CA PRO A 267 24.63 26.98 19.75
C PRO A 267 24.33 25.68 19.03
N LEU A 268 23.37 24.90 19.53
CA LEU A 268 22.95 23.67 18.88
C LEU A 268 21.62 23.83 18.15
N ILE A 269 20.61 24.40 18.82
CA ILE A 269 19.33 24.60 18.16
C ILE A 269 19.46 25.63 17.04
N ARG A 270 20.30 26.65 17.23
CA ARG A 270 20.48 27.66 16.21
C ARG A 270 21.12 27.11 14.94
N ILE A 271 21.68 25.91 14.99
CA ILE A 271 22.18 25.24 13.80
C ILE A 271 21.25 24.13 13.32
N TYR A 272 20.52 23.47 14.22
CA TYR A 272 19.67 22.36 13.83
C TYR A 272 18.23 22.75 13.53
N ARG A 273 17.89 24.04 13.61
CA ARG A 273 16.53 24.45 13.24
C ARG A 273 16.26 24.23 11.75
N GLY A 274 17.29 24.35 10.91
CA GLY A 274 17.07 24.33 9.48
C GLY A 274 16.59 22.99 8.95
N GLY A 275 17.14 21.90 9.47
CA GLY A 275 16.68 20.59 9.04
C GLY A 275 15.23 20.37 9.36
N PHE A 276 14.80 20.77 10.55
CA PHE A 276 13.39 20.66 10.91
C PHE A 276 12.53 21.50 9.99
N LEU A 277 12.97 22.73 9.68
CA LEU A 277 12.21 23.57 8.78
C LEU A 277 12.02 22.92 7.42
N LEU A 278 13.11 22.40 6.85
CA LEU A 278 13.02 21.79 5.53
C LEU A 278 12.14 20.54 5.54
N ILE A 279 12.27 19.70 6.57
CA ILE A 279 11.48 18.48 6.64
C ILE A 279 9.99 18.82 6.76
N GLU A 280 9.67 19.80 7.61
CA GLU A 280 8.28 20.23 7.71
C GLU A 280 7.77 20.76 6.38
N PHE A 281 8.61 21.52 5.66
CA PHE A 281 8.18 22.05 4.38
C PHE A 281 7.88 20.93 3.39
N LEU A 282 8.72 19.89 3.36
CA LEU A 282 8.48 18.78 2.44
C LEU A 282 7.20 18.03 2.80
N PHE A 283 6.98 17.80 4.09
CA PHE A 283 5.75 17.10 4.50
C PHE A 283 4.52 17.90 4.10
N LEU A 284 4.53 19.21 4.34
CA LEU A 284 3.38 20.02 3.97
C LEU A 284 3.21 20.12 2.46
N LEU A 285 4.31 20.11 1.70
CA LEU A 285 4.19 20.10 0.25
C LEU A 285 3.56 18.80 -0.25
N GLY A 286 3.91 17.68 0.38
CA GLY A 286 3.22 16.43 0.07
C GLY A 286 1.73 16.51 0.34
N ILE A 287 1.36 17.13 1.46
CA ILE A 287 -0.06 17.33 1.74
C ILE A 287 -0.70 18.21 0.66
N ASN A 288 0.00 19.26 0.24
CA ASN A 288 -0.53 20.12 -0.83
C ASN A 288 -0.80 19.33 -2.09
N THR A 289 0.16 18.53 -2.54
CA THR A 289 -0.04 17.82 -3.79
C THR A 289 -1.13 16.76 -3.67
N TYR A 290 -1.26 16.12 -2.50
CA TYR A 290 -2.36 15.17 -2.31
C TYR A 290 -3.71 15.86 -2.42
N GLY A 291 -3.86 17.00 -1.75
CA GLY A 291 -5.12 17.73 -1.83
C GLY A 291 -5.39 18.26 -3.22
N TRP A 292 -4.34 18.67 -3.93
CA TRP A 292 -4.47 19.15 -5.30
C TRP A 292 -5.01 18.04 -6.20
N ARG A 293 -4.43 16.85 -6.09
CA ARG A 293 -4.90 15.71 -6.88
C ARG A 293 -6.34 15.34 -6.51
N GLN A 294 -6.67 15.35 -5.21
CA GLN A 294 -8.00 14.95 -4.78
C GLN A 294 -9.07 15.93 -5.25
N ALA A 295 -8.80 17.23 -5.17
CA ALA A 295 -9.81 18.22 -5.52
C ALA A 295 -10.05 18.31 -7.02
N GLY A 296 -9.13 17.79 -7.82
CA GLY A 296 -9.28 17.85 -9.27
C GLY A 296 -8.60 19.02 -9.94
N VAL A 297 -7.88 19.87 -9.20
CA VAL A 297 -7.20 20.99 -9.82
C VAL A 297 -6.07 20.45 -10.69
N ASN A 298 -6.08 20.85 -11.97
CA ASN A 298 -5.11 20.35 -12.95
C ASN A 298 -3.77 21.02 -12.69
N HIS A 299 -3.06 20.52 -11.67
CA HIS A 299 -1.78 21.09 -11.31
C HIS A 299 -0.66 20.68 -12.27
N VAL A 300 -0.76 19.50 -12.88
CA VAL A 300 0.30 19.04 -13.78
C VAL A 300 0.35 19.91 -15.04
N LEU A 301 -0.81 20.34 -15.53
CA LEU A 301 -0.82 21.25 -16.69
C LEU A 301 -0.20 22.60 -16.33
N ILE A 302 -0.50 23.11 -15.14
CA ILE A 302 -0.02 24.43 -14.75
C ILE A 302 1.50 24.45 -14.67
N PHE A 303 2.09 23.42 -14.06
CA PHE A 303 3.54 23.34 -13.91
C PHE A 303 4.23 22.81 -15.16
N GLU A 304 3.50 22.70 -16.27
CA GLU A 304 3.97 22.12 -17.53
C GLU A 304 4.77 20.84 -17.34
N LEU A 305 4.42 20.07 -16.31
CA LEU A 305 5.07 18.78 -16.08
C LEU A 305 4.65 17.77 -17.14
N ASN A 306 5.48 16.76 -17.32
CA ASN A 306 5.15 15.68 -18.24
C ASN A 306 4.03 14.85 -17.65
N PRO A 307 2.88 14.73 -18.32
CA PRO A 307 1.75 14.02 -17.71
C PRO A 307 1.99 12.54 -17.46
N ARG A 308 2.98 11.94 -18.13
CA ARG A 308 3.25 10.52 -17.92
C ARG A 308 4.15 10.26 -16.73
N SER A 309 4.90 11.25 -16.26
CA SER A 309 5.85 11.07 -15.16
C SER A 309 5.71 12.24 -14.19
N ASN A 310 4.88 12.06 -13.18
CA ASN A 310 4.70 13.04 -12.13
C ASN A 310 4.77 12.35 -10.77
N LEU A 311 5.13 13.11 -9.74
CA LEU A 311 5.37 12.57 -8.42
C LEU A 311 4.11 12.71 -7.57
N SER A 312 3.56 11.59 -7.14
CA SER A 312 2.45 11.62 -6.20
C SER A 312 2.95 11.95 -4.80
N HIS A 313 2.02 12.09 -3.86
CA HIS A 313 2.36 12.54 -2.52
C HIS A 313 3.20 11.51 -1.77
N GLN A 314 3.08 10.23 -2.12
CA GLN A 314 3.78 9.19 -1.37
C GLN A 314 5.29 9.33 -1.46
N HIS A 315 5.79 9.69 -2.65
CA HIS A 315 7.24 9.88 -2.80
C HIS A 315 7.73 11.05 -1.94
N LEU A 316 6.96 12.13 -1.90
CA LEU A 316 7.34 13.26 -1.04
C LEU A 316 7.34 12.86 0.42
N PHE A 317 6.35 12.07 0.85
CA PHE A 317 6.33 11.59 2.22
C PHE A 317 7.55 10.73 2.51
N GLU A 318 7.93 9.87 1.56
CA GLU A 318 9.11 9.02 1.73
C GLU A 318 10.37 9.85 1.90
N ILE A 319 10.56 10.86 1.04
CA ILE A 319 11.75 11.70 1.12
C ILE A 319 11.78 12.45 2.44
N ALA A 320 10.64 13.01 2.85
CA ALA A 320 10.57 13.74 4.11
C ALA A 320 10.90 12.82 5.29
N GLY A 321 10.37 11.59 5.27
CA GLY A 321 10.68 10.65 6.33
C GLY A 321 12.15 10.30 6.39
N PHE A 322 12.77 10.09 5.22
CA PHE A 322 14.19 9.73 5.22
C PHE A 322 15.05 10.88 5.76
N LEU A 323 14.77 12.11 5.31
CA LEU A 323 15.53 13.24 5.83
C LEU A 323 15.28 13.43 7.33
N GLY A 324 14.05 13.19 7.79
CA GLY A 324 13.79 13.26 9.21
C GLY A 324 14.58 12.23 10.00
N ILE A 325 14.68 11.01 9.46
CA ILE A 325 15.49 9.98 10.11
C ILE A 325 16.93 10.42 10.23
N LEU A 326 17.50 10.93 9.13
CA LEU A 326 18.89 11.39 9.17
C LEU A 326 19.07 12.50 10.20
N TRP A 327 18.19 13.50 10.20
CA TRP A 327 18.34 14.62 11.11
C TRP A 327 18.21 14.18 12.56
N CYS A 328 17.20 13.36 12.86
CA CYS A 328 17.00 12.93 14.24
C CYS A 328 18.16 12.07 14.72
N LEU A 329 18.67 11.17 13.88
CA LEU A 329 19.83 10.37 14.27
C LEU A 329 21.04 11.24 14.51
N SER A 330 21.26 12.26 13.66
CA SER A 330 22.40 13.14 13.87
C SER A 330 22.29 13.90 15.18
N LEU A 331 21.09 14.42 15.48
CA LEU A 331 20.91 15.14 16.74
C LEU A 331 21.11 14.21 17.94
N LEU A 332 20.56 13.00 17.87
CA LEU A 332 20.70 12.06 18.98
C LEU A 332 22.15 11.68 19.20
N ALA A 333 22.90 11.47 18.11
CA ALA A 333 24.33 11.24 18.25
C ALA A 333 25.04 12.46 18.82
N CYS A 334 24.52 13.66 18.54
CA CYS A 334 25.13 14.86 19.12
C CYS A 334 24.90 14.93 20.62
N PHE A 335 23.75 14.45 21.11
CA PHE A 335 23.51 14.47 22.55
C PHE A 335 24.41 13.48 23.27
N PHE A 336 24.26 12.19 22.98
CA PHE A 336 24.99 11.17 23.74
C PHE A 336 26.47 11.22 23.44
N ALA A 337 26.83 11.43 22.17
CA ALA A 337 28.20 11.65 21.73
C ALA A 337 29.13 10.49 22.09
N PRO A 338 29.00 9.34 21.45
CA PRO A 338 30.08 8.34 21.52
C PRO A 338 31.37 8.93 20.96
N ILE A 339 32.48 8.64 21.63
CA ILE A 339 33.74 9.33 21.37
C ILE A 339 34.77 8.34 20.85
N SER A 340 35.34 8.65 19.68
CA SER A 340 36.55 7.98 19.21
C SER A 340 37.71 8.96 19.08
N VAL A 341 37.57 9.99 18.26
CA VAL A 341 38.59 11.04 18.15
C VAL A 341 37.95 12.41 18.28
N ILE A 342 36.98 12.71 17.41
CA ILE A 342 36.43 14.05 17.27
C ILE A 342 35.18 14.15 18.14
N PRO A 343 35.10 15.10 19.08
CA PRO A 343 34.01 15.09 20.05
C PRO A 343 32.60 15.25 19.48
N THR A 344 32.28 16.41 18.89
CA THR A 344 30.89 16.66 18.53
C THR A 344 30.65 17.42 17.24
N TYR A 345 31.63 18.10 16.66
CA TYR A 345 31.34 19.04 15.58
C TYR A 345 31.58 18.45 14.20
N VAL A 346 31.25 17.18 14.03
CA VAL A 346 31.20 16.56 12.71
C VAL A 346 29.79 16.16 12.31
N TYR A 347 28.90 15.89 13.28
CA TYR A 347 27.55 15.45 12.94
C TYR A 347 26.78 16.45 12.09
N PRO A 348 26.69 17.74 12.43
CA PRO A 348 25.96 18.66 11.55
C PRO A 348 26.59 18.80 10.18
N LEU A 349 27.92 18.90 10.12
CA LEU A 349 28.61 18.98 8.84
C LEU A 349 28.37 17.73 8.01
N ALA A 350 28.44 16.56 8.64
CA ALA A 350 28.20 15.32 7.90
C ALA A 350 26.78 15.25 7.38
N LEU A 351 25.80 15.64 8.19
CA LEU A 351 24.41 15.60 7.76
C LEU A 351 24.17 16.55 6.58
N TYR A 352 24.70 17.77 6.68
CA TYR A 352 24.50 18.73 5.60
C TYR A 352 25.22 18.29 4.33
N GLY A 353 26.42 17.72 4.47
CA GLY A 353 27.11 17.19 3.31
C GLY A 353 26.35 16.06 2.64
N PHE A 354 25.78 15.15 3.44
CA PHE A 354 24.98 14.07 2.87
C PHE A 354 23.76 14.63 2.15
N MET A 355 23.11 15.64 2.74
CA MET A 355 21.92 16.21 2.10
C MET A 355 22.29 16.87 0.77
N VAL A 356 23.34 17.68 0.76
CA VAL A 356 23.69 18.40 -0.45
C VAL A 356 24.16 17.44 -1.53
N PHE A 357 24.88 16.37 -1.14
CA PHE A 357 25.27 15.36 -2.12
C PHE A 357 24.07 14.58 -2.64
N PHE A 358 23.07 14.36 -1.78
CA PHE A 358 21.83 13.75 -2.23
C PHE A 358 21.13 14.62 -3.27
N LEU A 359 21.20 15.94 -3.09
CA LEU A 359 20.56 16.84 -4.04
C LEU A 359 21.28 16.86 -5.39
N ILE A 360 22.60 16.70 -5.40
CA ILE A 360 23.38 16.90 -6.62
C ILE A 360 23.92 15.58 -7.17
N ASN A 361 23.22 14.48 -6.90
CA ASN A 361 23.68 13.18 -7.38
C ASN A 361 23.63 13.15 -8.91
N PRO A 362 24.76 12.92 -9.58
CA PRO A 362 24.78 12.95 -11.05
C PRO A 362 24.51 11.63 -11.73
N THR A 363 24.23 10.56 -10.97
CA THR A 363 23.94 9.27 -11.57
C THR A 363 22.48 9.23 -12.03
N LYS A 364 22.00 8.04 -12.40
CA LYS A 364 20.62 7.86 -12.84
C LYS A 364 19.75 7.19 -11.80
N THR A 365 20.21 7.14 -10.55
CA THR A 365 19.44 6.57 -9.44
C THR A 365 19.02 7.68 -8.48
N PHE A 366 18.14 7.32 -7.55
CA PHE A 366 17.62 8.23 -6.52
C PHE A 366 16.94 9.44 -7.16
N TYR A 367 15.84 9.15 -7.85
CA TYR A 367 14.98 10.16 -8.46
C TYR A 367 15.76 11.02 -9.46
N TYR A 368 16.18 10.35 -10.54
CA TYR A 368 17.03 11.00 -11.54
C TYR A 368 16.36 12.22 -12.15
N LYS A 369 15.10 12.08 -12.58
CA LYS A 369 14.44 13.18 -13.28
C LYS A 369 14.08 14.30 -12.34
N SER A 370 13.57 13.97 -11.15
CA SER A 370 13.07 14.97 -10.23
C SER A 370 14.16 15.94 -9.82
N ARG A 371 15.32 15.40 -9.43
CA ARG A 371 16.41 16.25 -8.97
C ARG A 371 16.93 17.12 -10.09
N PHE A 372 17.06 16.58 -11.30
CA PHE A 372 17.53 17.38 -12.42
C PHE A 372 16.56 18.52 -12.73
N TRP A 373 15.26 18.23 -12.75
CA TRP A 373 14.28 19.26 -13.03
C TRP A 373 14.29 20.34 -11.97
N LEU A 374 14.35 19.94 -10.69
CA LEU A 374 14.36 20.92 -9.62
C LEU A 374 15.63 21.76 -9.65
N LEU A 375 16.77 21.15 -9.96
CA LEU A 375 18.01 21.89 -10.05
C LEU A 375 17.97 22.90 -11.19
N LYS A 376 17.42 22.50 -12.34
CA LYS A 376 17.28 23.43 -13.45
C LYS A 376 16.38 24.60 -13.08
N LEU A 377 15.26 24.31 -12.41
CA LEU A 377 14.35 25.38 -11.99
C LEU A 377 15.03 26.33 -11.00
N LEU A 378 15.80 25.77 -10.06
CA LEU A 378 16.48 26.60 -9.08
C LEU A 378 17.54 27.49 -9.74
N PHE A 379 18.28 26.93 -10.70
CA PHE A 379 19.25 27.75 -11.43
C PHE A 379 18.54 28.87 -12.19
N ARG A 380 17.42 28.55 -12.84
CA ARG A 380 16.69 29.56 -13.59
C ARG A 380 16.17 30.67 -12.67
N VAL A 381 15.66 30.31 -11.49
CA VAL A 381 15.15 31.33 -10.58
C VAL A 381 16.30 32.14 -9.98
N PHE A 382 17.48 31.54 -9.84
CA PHE A 382 18.62 32.30 -9.34
C PHE A 382 19.31 33.13 -10.43
N THR A 383 18.95 32.92 -11.70
CA THR A 383 19.38 33.80 -12.78
C THR A 383 18.21 34.64 -13.29
N ALA A 384 17.36 35.08 -12.36
CA ALA A 384 16.10 35.76 -12.69
C ALA A 384 16.23 36.94 -13.64
N PRO A 385 17.17 37.88 -13.47
CA PRO A 385 17.18 39.06 -14.34
C PRO A 385 17.40 38.75 -15.82
N PHE A 386 17.97 37.60 -16.16
CA PHE A 386 18.26 37.26 -17.55
C PHE A 386 17.26 36.30 -18.16
N HIS A 387 17.00 35.16 -17.52
CA HIS A 387 16.07 34.20 -18.08
C HIS A 387 14.63 34.71 -17.95
N LYS A 388 13.74 34.08 -18.71
CA LYS A 388 12.35 34.52 -18.78
C LYS A 388 11.59 34.06 -17.53
N VAL A 389 10.27 34.26 -17.54
CA VAL A 389 9.43 33.93 -16.40
C VAL A 389 8.39 32.90 -16.85
N GLY A 390 8.25 31.83 -16.06
CA GLY A 390 7.19 30.88 -16.21
C GLY A 390 6.16 31.00 -15.10
N PHE A 391 5.55 29.87 -14.75
CA PHE A 391 4.74 29.83 -13.54
C PHE A 391 5.50 29.19 -12.38
N ALA A 392 6.07 28.01 -12.63
CA ALA A 392 6.85 27.35 -11.58
C ALA A 392 8.02 28.23 -11.13
N ASP A 393 8.54 29.07 -12.02
CA ASP A 393 9.66 29.94 -11.67
C ASP A 393 9.30 30.85 -10.51
N PHE A 394 8.32 31.74 -10.71
CA PHE A 394 8.02 32.66 -9.62
C PHE A 394 7.27 31.97 -8.49
N TRP A 395 6.62 30.84 -8.75
CA TRP A 395 6.04 30.08 -7.64
C TRP A 395 7.13 29.60 -6.70
N LEU A 396 8.23 29.06 -7.24
CA LEU A 396 9.34 28.66 -6.40
C LEU A 396 10.03 29.86 -5.77
N ALA A 397 10.07 31.00 -6.48
CA ALA A 397 10.63 32.21 -5.88
C ALA A 397 9.84 32.62 -4.64
N ASP A 398 8.52 32.67 -4.76
CA ASP A 398 7.69 32.99 -3.59
C ASP A 398 7.77 31.90 -2.54
N GLN A 399 8.01 30.65 -2.95
CA GLN A 399 8.16 29.57 -1.98
C GLN A 399 9.43 29.76 -1.15
N LEU A 400 10.53 30.15 -1.80
CA LEU A 400 11.77 30.42 -1.09
C LEU A 400 11.71 31.71 -0.29
N ASN A 401 10.84 32.65 -0.68
CA ASN A 401 10.69 33.88 0.10
C ASN A 401 10.20 33.62 1.51
N SER A 402 9.63 32.45 1.77
CA SER A 402 9.15 32.10 3.10
C SER A 402 10.17 31.32 3.92
N LEU A 403 11.35 31.04 3.38
CA LEU A 403 12.34 30.25 4.10
C LEU A 403 13.68 30.98 4.21
N SER A 404 13.67 32.24 4.60
CA SER A 404 14.91 32.96 4.83
C SER A 404 15.66 32.43 6.06
N VAL A 405 14.97 31.69 6.92
CA VAL A 405 15.61 31.19 8.15
C VAL A 405 16.70 30.18 7.82
N ILE A 406 16.53 29.39 6.77
CA ILE A 406 17.58 28.43 6.42
C ILE A 406 18.85 29.16 6.01
N LEU A 407 18.73 30.23 5.23
CA LEU A 407 19.89 31.03 4.86
C LEU A 407 20.51 31.68 6.09
N MET A 408 19.67 32.20 6.99
CA MET A 408 20.18 32.80 8.23
C MET A 408 21.00 31.79 9.02
N ASP A 409 20.45 30.59 9.22
CA ASP A 409 21.14 29.57 9.99
C ASP A 409 22.42 29.12 9.31
N LEU A 410 22.41 29.01 7.97
CA LEU A 410 23.61 28.59 7.26
C LEU A 410 24.71 29.62 7.39
N GLU A 411 24.40 30.92 7.25
CA GLU A 411 25.47 31.90 7.37
C GLU A 411 25.96 31.96 8.81
N TYR A 412 25.07 31.74 9.77
CA TYR A 412 25.50 31.70 11.17
C TYR A 412 26.41 30.51 11.42
N MET A 413 26.11 29.37 10.82
CA MET A 413 26.98 28.19 10.95
C MET A 413 28.35 28.47 10.37
N ILE A 414 28.40 29.07 9.18
CA ILE A 414 29.68 29.41 8.57
C ILE A 414 30.46 30.37 9.45
N CYS A 415 29.77 31.41 9.96
CA CYS A 415 30.42 32.38 10.83
C CYS A 415 30.97 31.75 12.09
N PHE A 416 30.20 30.85 12.72
CA PHE A 416 30.63 30.23 13.95
C PHE A 416 31.80 29.29 13.72
N TYR A 417 31.71 28.44 12.69
CA TYR A 417 32.75 27.45 12.46
C TYR A 417 34.04 28.09 11.96
N SER A 418 33.95 29.19 11.21
CA SER A 418 35.14 29.78 10.63
C SER A 418 35.89 30.64 11.64
N LEU A 419 35.18 31.49 12.37
CA LEU A 419 35.82 32.49 13.23
C LEU A 419 35.85 32.08 14.69
N GLU A 420 34.68 31.84 15.30
CA GLU A 420 34.63 31.64 16.74
C GLU A 420 35.15 30.25 17.14
N LEU A 421 34.76 29.22 16.39
CA LEU A 421 35.09 27.86 16.79
C LEU A 421 36.57 27.58 16.61
N LYS A 422 37.19 27.01 17.65
CA LYS A 422 38.57 26.52 17.57
C LYS A 422 38.50 25.07 17.11
N TRP A 423 38.64 24.86 15.81
CA TRP A 423 38.47 23.51 15.26
C TRP A 423 39.50 22.53 15.79
N ASP A 424 40.66 23.03 16.22
CA ASP A 424 41.67 22.17 16.83
C ASP A 424 41.53 22.12 18.34
N GLU A 425 40.31 21.83 18.81
CA GLU A 425 40.02 21.75 20.23
C GLU A 425 38.97 20.68 20.46
N SER A 426 38.38 20.66 21.66
CA SER A 426 37.39 19.66 22.02
C SER A 426 36.13 20.32 22.60
N LYS A 427 35.24 19.51 23.17
CA LYS A 427 34.02 19.98 23.80
C LYS A 427 33.10 20.64 22.78
N GLY A 428 33.15 21.97 22.69
CA GLY A 428 32.25 22.71 21.81
C GLY A 428 31.40 23.70 22.57
N LEU A 429 31.90 24.14 23.73
CA LEU A 429 31.22 25.07 24.63
C LEU A 429 32.18 26.18 25.04
N LEU A 430 32.82 26.79 24.05
CA LEU A 430 33.85 27.79 24.32
C LEU A 430 33.27 28.93 25.16
N PRO A 431 34.06 29.48 26.10
CA PRO A 431 33.53 30.51 26.99
C PRO A 431 33.05 31.74 26.24
N ASN A 432 31.99 32.35 26.75
CA ASN A 432 31.41 33.55 26.15
C ASN A 432 31.99 34.83 26.74
N ASN A 433 32.95 34.73 27.67
CA ASN A 433 33.55 35.90 28.29
C ASN A 433 34.58 36.58 27.41
N SER A 434 35.04 35.93 26.34
CA SER A 434 36.05 36.52 25.48
C SER A 434 35.47 37.67 24.67
N GLU A 435 36.37 38.56 24.24
CA GLU A 435 35.94 39.70 23.43
C GLU A 435 35.39 39.24 22.08
N GLU A 436 36.01 38.23 21.48
CA GLU A 436 35.52 37.70 20.21
C GLU A 436 34.17 37.04 20.35
N SER A 437 33.80 36.58 21.55
CA SER A 437 32.49 36.00 21.77
C SER A 437 31.42 37.07 21.63
N GLY A 438 30.34 36.73 20.92
CA GLY A 438 29.28 37.68 20.65
C GLY A 438 29.49 38.50 19.40
N ILE A 439 30.68 38.45 18.79
CA ILE A 439 30.90 39.14 17.52
C ILE A 439 30.00 38.53 16.45
N CYS A 440 29.94 37.20 16.39
CA CYS A 440 29.01 36.53 15.49
C CYS A 440 27.56 36.70 15.94
N HIS A 441 27.33 37.11 17.18
CA HIS A 441 26.02 37.50 17.67
C HIS A 441 25.71 38.97 17.40
N LYS A 442 26.62 39.68 16.76
CA LYS A 442 26.47 41.10 16.45
C LYS A 442 26.16 41.30 14.97
N TYR A 443 26.15 42.57 14.55
CA TYR A 443 25.73 42.95 13.20
C TYR A 443 26.64 44.02 12.60
N THR A 444 27.89 44.11 13.06
CA THR A 444 28.79 45.15 12.56
C THR A 444 29.04 45.00 11.07
N TYR A 445 29.21 43.76 10.60
CA TYR A 445 29.38 43.54 9.18
C TYR A 445 28.12 43.86 8.39
N GLY A 446 26.95 43.76 9.04
CA GLY A 446 25.70 44.02 8.37
C GLY A 446 25.22 42.94 7.45
N VAL A 447 25.87 41.76 7.46
CA VAL A 447 25.51 40.68 6.56
C VAL A 447 24.10 40.18 6.80
N ARG A 448 23.58 40.34 8.02
CA ARG A 448 22.24 39.87 8.33
C ARG A 448 21.21 40.53 7.43
N ALA A 449 21.33 41.85 7.24
CA ALA A 449 20.33 42.59 6.47
C ALA A 449 20.29 42.11 5.02
N ILE A 450 21.46 42.03 4.37
CA ILE A 450 21.49 41.62 2.97
C ILE A 450 21.05 40.17 2.82
N VAL A 451 21.49 39.30 3.74
CA VAL A 451 21.11 37.89 3.65
C VAL A 451 19.60 37.74 3.78
N GLN A 452 18.98 38.50 4.67
CA GLN A 452 17.53 38.44 4.79
C GLN A 452 16.82 39.05 3.59
N CYS A 453 17.42 40.07 2.98
CA CYS A 453 16.74 40.78 1.91
C CYS A 453 16.96 40.17 0.53
N ILE A 454 17.84 39.16 0.40
CA ILE A 454 18.03 38.52 -0.91
C ILE A 454 16.73 38.03 -1.54
N PRO A 455 15.87 37.25 -0.86
CA PRO A 455 14.65 36.76 -1.54
C PRO A 455 13.77 37.87 -2.06
N ALA A 456 13.63 38.95 -1.29
CA ALA A 456 12.84 40.09 -1.75
C ALA A 456 13.45 40.68 -3.02
N TRP A 457 14.78 40.78 -3.08
CA TRP A 457 15.42 41.33 -4.26
C TRP A 457 15.16 40.46 -5.48
N LEU A 458 15.27 39.14 -5.33
CA LEU A 458 15.02 38.25 -6.47
C LEU A 458 13.57 38.37 -6.94
N ARG A 459 12.62 38.40 -6.00
CA ARG A 459 11.22 38.50 -6.38
C ARG A 459 10.92 39.84 -7.05
N PHE A 460 11.53 40.91 -6.54
CA PHE A 460 11.38 42.23 -7.17
C PHE A 460 11.91 42.22 -8.59
N ILE A 461 13.06 41.60 -8.81
CA ILE A 461 13.62 41.55 -10.16
C ILE A 461 12.72 40.78 -11.09
N GLN A 462 12.17 39.65 -10.61
CA GLN A 462 11.24 38.88 -11.43
C GLN A 462 10.03 39.72 -11.83
N CYS A 463 9.44 40.43 -10.87
CA CYS A 463 8.27 41.25 -11.17
C CYS A 463 8.62 42.38 -12.13
N LEU A 464 9.79 42.99 -11.96
CA LEU A 464 10.20 44.06 -12.87
C LEU A 464 10.37 43.54 -14.28
N ARG A 465 10.96 42.36 -14.45
CA ARG A 465 11.09 41.78 -15.78
C ARG A 465 9.73 41.48 -16.38
N ARG A 466 8.81 40.96 -15.58
CA ARG A 466 7.45 40.72 -16.07
C ARG A 466 6.81 42.01 -16.55
N TYR A 467 6.93 43.08 -15.77
CA TYR A 467 6.34 44.36 -16.18
C TYR A 467 6.97 44.88 -17.46
N ARG A 468 8.30 44.79 -17.58
CA ARG A 468 8.96 45.26 -18.78
C ARG A 468 8.50 44.48 -20.00
N ASP A 469 8.40 43.15 -19.88
CA ASP A 469 7.97 42.34 -21.01
C ASP A 469 6.53 42.63 -21.40
N THR A 470 5.64 42.76 -20.42
CA THR A 470 4.23 42.98 -20.73
C THR A 470 3.89 44.42 -21.05
N LYS A 471 4.69 45.38 -20.58
CA LYS A 471 4.45 46.80 -20.80
C LYS A 471 3.06 47.21 -20.30
N ARG A 472 2.67 46.69 -19.15
CA ARG A 472 1.39 46.99 -18.53
C ARG A 472 1.57 47.01 -17.03
N ALA A 473 1.25 48.14 -16.40
CA ALA A 473 1.68 48.38 -15.02
C ALA A 473 0.64 47.95 -13.98
N PHE A 474 -0.62 47.86 -14.35
CA PHE A 474 -1.65 47.58 -13.35
C PHE A 474 -1.47 46.26 -12.62
N PRO A 475 -1.19 45.13 -13.27
CA PRO A 475 -1.00 43.87 -12.52
C PRO A 475 0.44 43.49 -12.24
N HIS A 476 1.44 44.26 -12.68
CA HIS A 476 2.83 43.89 -12.50
C HIS A 476 3.63 44.89 -11.68
N LEU A 477 3.52 46.18 -11.99
CA LEU A 477 4.34 47.18 -11.30
C LEU A 477 4.02 47.23 -9.81
N VAL A 478 2.73 47.14 -9.46
CA VAL A 478 2.35 47.13 -8.06
C VAL A 478 2.88 45.87 -7.38
N ASN A 479 2.91 44.76 -8.11
CA ASN A 479 3.48 43.53 -7.57
C ASN A 479 4.94 43.72 -7.21
N ALA A 480 5.70 44.38 -8.08
CA ALA A 480 7.09 44.70 -7.76
C ALA A 480 7.18 45.63 -6.55
N GLY A 481 6.34 46.67 -6.53
CA GLY A 481 6.37 47.62 -5.44
C GLY A 481 6.08 47.00 -4.09
N LYS A 482 5.29 45.92 -4.06
CA LYS A 482 4.99 45.27 -2.79
C LYS A 482 6.25 44.73 -2.11
N TYR A 483 7.18 44.16 -2.86
CA TYR A 483 8.31 43.44 -2.30
C TYR A 483 9.47 44.35 -1.90
N SER A 484 9.34 45.65 -2.12
CA SER A 484 10.38 46.59 -1.70
C SER A 484 10.21 47.09 -0.27
N THR A 485 9.07 46.79 0.36
CA THR A 485 8.87 47.23 1.74
C THR A 485 9.82 46.53 2.70
N THR A 486 10.18 45.27 2.42
CA THR A 486 11.10 44.56 3.28
C THR A 486 12.46 45.24 3.31
N PHE A 487 12.89 45.82 2.20
CA PHE A 487 14.13 46.57 2.18
C PHE A 487 14.12 47.69 3.21
N PHE A 488 13.08 48.54 3.17
CA PHE A 488 12.98 49.64 4.11
C PHE A 488 12.86 49.13 5.53
N MET A 489 12.08 48.08 5.74
CA MET A 489 11.91 47.52 7.09
C MET A 489 13.25 47.10 7.68
N VAL A 490 14.00 46.27 6.95
CA VAL A 490 15.24 45.74 7.48
C VAL A 490 16.28 46.84 7.64
N THR A 491 16.36 47.77 6.68
CA THR A 491 17.33 48.85 6.79
C THR A 491 17.02 49.73 8.01
N PHE A 492 15.74 50.04 8.23
CA PHE A 492 15.40 50.88 9.38
C PHE A 492 15.61 50.15 10.69
N ALA A 493 15.34 48.84 10.72
CA ALA A 493 15.63 48.08 11.93
C ALA A 493 17.12 48.07 12.24
N ALA A 494 17.96 47.91 11.20
CA ALA A 494 19.39 47.96 11.40
C ALA A 494 19.84 49.34 11.88
N LEU A 495 19.26 50.40 11.32
CA LEU A 495 19.59 51.75 11.76
C LEU A 495 19.25 51.94 13.23
N TYR A 496 18.06 51.50 13.64
CA TYR A 496 17.67 51.63 15.03
C TYR A 496 18.60 50.82 15.93
N SER A 497 18.95 49.60 15.51
CA SER A 497 19.83 48.78 16.33
C SER A 497 21.21 49.42 16.50
N THR A 498 21.79 49.91 15.41
CA THR A 498 23.12 50.48 15.51
C THR A 498 23.13 51.81 16.26
N HIS A 499 22.06 52.60 16.13
CA HIS A 499 22.01 53.84 16.89
C HIS A 499 21.74 53.60 18.37
N LYS A 500 21.02 52.52 18.70
CA LYS A 500 20.88 52.14 20.11
C LYS A 500 22.21 51.63 20.67
N GLU A 501 22.95 50.86 19.86
CA GLU A 501 24.26 50.40 20.31
C GLU A 501 25.20 51.58 20.55
N ARG A 502 25.19 52.57 19.66
CA ARG A 502 25.98 53.77 19.89
C ARG A 502 25.35 54.68 20.94
N GLY A 503 24.07 54.48 21.24
CA GLY A 503 23.39 55.28 22.25
C GLY A 503 23.22 56.74 21.90
N HIS A 504 22.84 57.03 20.66
CA HIS A 504 22.64 58.42 20.25
C HIS A 504 21.32 58.96 20.82
N SER A 505 21.24 60.29 20.90
CA SER A 505 20.07 60.93 21.49
C SER A 505 18.85 60.84 20.59
N ASP A 506 19.05 60.92 19.27
CA ASP A 506 17.95 60.91 18.32
C ASP A 506 17.52 59.51 17.91
N THR A 507 18.15 58.48 18.49
CA THR A 507 17.87 57.10 18.09
C THR A 507 16.38 56.78 18.19
N MET A 508 15.75 57.15 19.31
CA MET A 508 14.34 56.84 19.51
C MET A 508 13.47 57.38 18.38
N VAL A 509 13.89 58.49 17.76
CA VAL A 509 13.12 59.05 16.65
C VAL A 509 12.99 58.03 15.52
N PHE A 510 14.09 57.36 15.17
CA PHE A 510 14.03 56.37 14.11
C PHE A 510 13.12 55.20 14.46
N PHE A 511 12.80 55.02 15.74
CA PHE A 511 11.82 54.00 16.10
C PHE A 511 10.45 54.34 15.54
N TYR A 512 10.04 55.60 15.63
CA TYR A 512 8.67 56.03 15.32
C TYR A 512 8.25 55.60 13.93
N LEU A 513 8.92 56.15 12.89
CA LEU A 513 8.60 55.78 11.53
C LEU A 513 8.70 54.28 11.33
N TRP A 514 9.62 53.62 12.05
CA TRP A 514 9.73 52.17 11.95
C TRP A 514 8.39 51.51 12.21
N ILE A 515 7.76 51.87 13.33
CA ILE A 515 6.45 51.31 13.67
C ILE A 515 5.47 51.62 12.55
N VAL A 516 5.53 52.84 12.00
CA VAL A 516 4.67 53.19 10.87
C VAL A 516 4.88 52.21 9.73
N PHE A 517 6.15 52.00 9.35
CA PHE A 517 6.40 51.10 8.23
C PHE A 517 6.09 49.66 8.57
N TYR A 518 5.85 49.34 9.84
CA TYR A 518 5.28 48.05 10.17
C TYR A 518 3.89 47.91 9.55
N ILE A 519 3.01 48.86 9.85
CA ILE A 519 1.63 48.76 9.40
C ILE A 519 1.57 48.78 7.88
N ILE A 520 2.23 49.77 7.27
CA ILE A 520 2.23 49.90 5.82
C ILE A 520 2.82 48.69 5.13
N SER A 521 3.45 47.78 5.88
CA SER A 521 3.75 46.48 5.30
C SER A 521 2.54 45.57 5.37
N SER A 522 2.11 45.21 6.58
CA SER A 522 1.14 44.14 6.74
C SER A 522 -0.17 44.48 6.05
N CYS A 523 -0.85 45.53 6.51
CA CYS A 523 -2.11 45.95 5.92
C CYS A 523 -2.00 46.14 4.42
N TYR A 524 -0.79 46.32 3.89
CA TYR A 524 -0.62 46.37 2.44
C TYR A 524 -0.61 44.96 1.86
N THR A 525 0.39 44.15 2.24
CA THR A 525 0.55 42.85 1.59
C THR A 525 -0.63 41.94 1.86
N LEU A 526 -1.22 42.03 3.06
CA LEU A 526 -2.42 41.26 3.34
C LEU A 526 -3.51 41.56 2.32
N ILE A 527 -3.69 42.83 1.96
CA ILE A 527 -4.66 43.16 0.92
C ILE A 527 -4.29 42.48 -0.39
N TRP A 528 -3.00 42.53 -0.75
CA TRP A 528 -2.54 41.85 -1.95
C TRP A 528 -2.77 40.35 -1.87
N ASP A 529 -2.89 39.80 -0.66
CA ASP A 529 -3.14 38.38 -0.49
C ASP A 529 -4.61 38.02 -0.65
N LEU A 530 -5.51 39.00 -0.73
CA LEU A 530 -6.93 38.73 -0.73
C LEU A 530 -7.67 39.23 -1.96
N LYS A 531 -7.00 39.93 -2.87
CA LYS A 531 -7.66 40.45 -4.06
C LYS A 531 -7.13 39.82 -5.34
N MET A 532 -5.81 39.91 -5.58
CA MET A 532 -5.24 39.33 -6.80
C MET A 532 -4.74 37.90 -6.60
N ASP A 533 -4.31 37.54 -5.40
CA ASP A 533 -3.76 36.21 -5.17
C ASP A 533 -4.86 35.16 -5.08
N TRP A 534 -6.01 35.51 -4.49
CA TRP A 534 -7.09 34.56 -4.30
C TRP A 534 -8.40 34.94 -4.98
N GLY A 535 -8.56 36.21 -5.35
CA GLY A 535 -9.81 36.63 -5.98
C GLY A 535 -11.01 36.53 -5.06
N LEU A 536 -10.86 36.91 -3.81
CA LEU A 536 -11.97 36.94 -2.87
C LEU A 536 -12.58 38.34 -2.84
N PHE A 537 -13.62 38.52 -2.03
CA PHE A 537 -14.27 39.82 -1.85
C PHE A 537 -14.78 40.40 -3.16
N ASP A 538 -15.21 39.53 -4.08
CA ASP A 538 -15.58 39.97 -5.42
C ASP A 538 -16.88 40.76 -5.38
N LYS A 539 -16.86 41.96 -5.99
CA LYS A 539 -18.06 42.78 -6.06
C LYS A 539 -19.13 42.13 -6.93
N ASN A 540 -18.73 41.51 -8.04
CA ASN A 540 -19.68 40.84 -8.91
C ASN A 540 -20.27 39.58 -8.26
N ALA A 541 -19.64 39.09 -7.19
CA ALA A 541 -20.11 37.89 -6.52
C ALA A 541 -21.29 38.23 -5.61
N GLY A 542 -21.69 37.28 -4.78
CA GLY A 542 -22.82 37.49 -3.89
C GLY A 542 -23.63 36.24 -3.64
N GLU A 543 -23.37 35.18 -4.40
CA GLU A 543 -24.04 33.91 -4.15
C GLU A 543 -23.66 33.36 -2.78
N ASN A 544 -22.39 33.52 -2.40
CA ASN A 544 -21.91 33.19 -1.07
C ASN A 544 -21.30 34.45 -0.47
N THR A 545 -21.74 34.81 0.73
CA THR A 545 -21.26 36.04 1.36
C THR A 545 -19.76 35.96 1.62
N PHE A 546 -19.05 37.02 1.24
CA PHE A 546 -17.62 37.20 1.44
C PHE A 546 -16.79 36.16 0.69
N LEU A 547 -17.36 35.48 -0.30
CA LEU A 547 -16.64 34.51 -1.11
C LEU A 547 -16.84 34.82 -2.58
N ARG A 548 -16.14 34.07 -3.43
CA ARG A 548 -16.20 34.28 -4.86
C ARG A 548 -17.42 33.57 -5.46
N GLU A 549 -17.58 33.69 -6.78
CA GLU A 549 -18.72 33.08 -7.46
C GLU A 549 -18.71 31.56 -7.31
N GLU A 550 -17.58 30.92 -7.59
CA GLU A 550 -17.49 29.47 -7.59
C GLU A 550 -16.32 29.00 -6.74
N ILE A 551 -16.56 27.96 -5.97
CA ILE A 551 -15.53 27.33 -5.14
C ILE A 551 -15.55 25.83 -5.41
N VAL A 552 -14.41 25.20 -5.15
CA VAL A 552 -14.24 23.77 -5.43
C VAL A 552 -14.35 22.93 -4.16
N TYR A 553 -13.70 23.38 -3.09
CA TYR A 553 -13.80 22.67 -1.82
C TYR A 553 -15.22 22.77 -1.28
N PRO A 554 -15.77 21.67 -0.74
CA PRO A 554 -17.20 21.68 -0.35
C PRO A 554 -17.55 22.67 0.75
N GLN A 555 -16.64 22.94 1.68
CA GLN A 555 -16.96 23.69 2.88
C GLN A 555 -16.33 25.08 2.82
N LYS A 556 -17.11 26.10 3.19
CA LYS A 556 -16.60 27.46 3.28
C LYS A 556 -15.87 27.73 4.58
N ALA A 557 -16.04 26.86 5.58
CA ALA A 557 -15.34 27.04 6.85
C ALA A 557 -13.83 27.00 6.67
N TYR A 558 -13.34 26.28 5.66
CA TYR A 558 -11.92 26.31 5.36
C TYR A 558 -11.49 27.71 4.96
N TYR A 559 -12.27 28.37 4.10
CA TYR A 559 -11.97 29.75 3.73
C TYR A 559 -12.04 30.66 4.94
N TYR A 560 -13.03 30.44 5.82
CA TYR A 560 -13.14 31.29 7.00
C TYR A 560 -11.94 31.14 7.94
N CYS A 561 -11.50 29.90 8.17
CA CYS A 561 -10.36 29.72 9.06
C CYS A 561 -9.08 30.25 8.44
N ALA A 562 -8.92 30.11 7.12
CA ALA A 562 -7.76 30.71 6.46
C ALA A 562 -7.77 32.22 6.60
N ILE A 563 -8.94 32.84 6.39
CA ILE A 563 -9.02 34.30 6.46
C ILE A 563 -8.87 34.79 7.90
N ILE A 564 -9.16 33.95 8.90
CA ILE A 564 -8.96 34.40 10.27
C ILE A 564 -7.52 34.14 10.74
N GLU A 565 -6.80 33.20 10.11
CA GLU A 565 -5.44 32.93 10.53
C GLU A 565 -4.40 33.78 9.79
N ASP A 566 -4.67 34.14 8.53
CA ASP A 566 -3.65 34.84 7.75
C ASP A 566 -3.35 36.21 8.33
N VAL A 567 -4.35 36.86 8.90
CA VAL A 567 -4.15 38.18 9.49
C VAL A 567 -3.16 38.13 10.64
N ILE A 568 -3.27 37.11 11.50
CA ILE A 568 -2.31 36.95 12.59
C ILE A 568 -0.95 36.57 12.04
N LEU A 569 -0.92 35.66 11.07
CA LEU A 569 0.35 35.13 10.60
C LEU A 569 1.20 36.17 9.88
N ARG A 570 0.57 37.13 9.20
CA ARG A 570 1.36 38.16 8.53
C ARG A 570 2.12 39.02 9.53
N PHE A 571 1.43 39.47 10.59
CA PHE A 571 2.10 40.21 11.66
C PHE A 571 3.19 39.37 12.29
N ALA A 572 2.90 38.08 12.52
CA ALA A 572 3.89 37.20 13.12
C ALA A 572 5.15 37.13 12.27
N TRP A 573 5.00 36.94 10.97
CA TRP A 573 6.16 36.80 10.09
C TRP A 573 6.96 38.09 10.04
N THR A 574 6.29 39.24 9.92
CA THR A 574 7.05 40.48 9.81
C THR A 574 7.77 40.80 11.13
N ILE A 575 7.13 40.57 12.27
CA ILE A 575 7.82 40.84 13.53
C ILE A 575 8.95 39.86 13.74
N GLN A 576 8.79 38.60 13.32
CA GLN A 576 9.86 37.62 13.54
C GLN A 576 11.06 37.93 12.66
N ILE A 577 10.84 38.37 11.41
CA ILE A 577 11.99 38.73 10.58
C ILE A 577 12.66 40.00 11.10
N SER A 578 11.86 40.96 11.57
CA SER A 578 12.45 42.18 12.12
C SER A 578 13.31 41.86 13.34
N ILE A 579 12.81 41.04 14.25
CA ILE A 579 13.58 40.72 15.46
C ILE A 579 14.78 39.85 15.13
N THR A 580 14.66 38.98 14.12
CA THR A 580 15.81 38.17 13.71
C THR A 580 16.93 39.02 13.16
N SER A 581 16.60 40.03 12.35
CA SER A 581 17.62 40.83 11.71
C SER A 581 18.01 42.08 12.50
N THR A 582 17.36 42.37 13.63
CA THR A 582 17.70 43.58 14.38
C THR A 582 18.62 43.32 15.57
N THR A 583 18.68 42.09 16.07
CA THR A 583 19.52 41.70 17.21
C THR A 583 19.18 42.53 18.45
N LEU A 584 17.92 42.45 18.87
CA LEU A 584 17.45 43.00 20.14
C LEU A 584 16.86 41.88 20.99
N LEU A 585 16.36 42.25 22.16
CA LEU A 585 15.80 41.31 23.12
C LEU A 585 16.81 40.20 23.40
N PRO A 586 17.88 40.49 24.14
CA PRO A 586 18.98 39.52 24.25
C PRO A 586 18.57 38.16 24.80
N HIS A 587 17.57 38.10 25.68
CA HIS A 587 17.18 36.83 26.27
C HIS A 587 16.14 36.10 25.43
N SER A 588 15.08 36.79 25.01
CA SER A 588 13.96 36.17 24.33
C SER A 588 14.08 36.19 22.81
N GLY A 589 15.18 36.69 22.27
CA GLY A 589 15.34 36.78 20.83
C GLY A 589 15.32 35.44 20.13
N ASP A 590 16.28 34.58 20.44
CA ASP A 590 16.30 33.26 19.82
C ASP A 590 15.08 32.44 20.20
N ILE A 591 14.55 32.65 21.40
CA ILE A 591 13.34 31.93 21.81
C ILE A 591 12.17 32.30 20.92
N ILE A 592 11.97 33.60 20.68
CA ILE A 592 10.86 34.03 19.85
C ILE A 592 11.08 33.60 18.40
N ALA A 593 12.32 33.62 17.94
CA ALA A 593 12.61 33.15 16.58
C ALA A 593 12.27 31.67 16.44
N THR A 594 12.67 30.86 17.42
CA THR A 594 12.38 29.43 17.37
C THR A 594 10.89 29.16 17.44
N VAL A 595 10.17 29.90 18.27
CA VAL A 595 8.74 29.59 18.41
C VAL A 595 7.95 30.10 17.21
N PHE A 596 8.44 31.12 16.51
CA PHE A 596 7.68 31.65 15.37
C PHE A 596 8.08 31.04 14.03
N ALA A 597 9.27 30.46 13.92
CA ALA A 597 9.71 29.96 12.62
C ALA A 597 8.83 28.85 12.06
N PRO A 598 8.47 27.78 12.81
CA PRO A 598 7.78 26.65 12.17
C PRO A 598 6.30 26.89 11.89
N LEU A 599 5.85 28.15 11.93
CA LEU A 599 4.46 28.47 11.65
C LEU A 599 4.28 29.28 10.38
N GLU A 600 5.29 30.05 9.98
CA GLU A 600 5.23 30.71 8.67
C GLU A 600 5.17 29.69 7.54
N VAL A 601 5.81 28.53 7.73
CA VAL A 601 5.70 27.46 6.74
C VAL A 601 4.27 26.95 6.66
N PHE A 602 3.59 26.86 7.81
CA PHE A 602 2.18 26.49 7.79
C PHE A 602 1.35 27.54 7.04
N ARG A 603 1.69 28.81 7.21
CA ARG A 603 1.01 29.86 6.45
C ARG A 603 1.19 29.65 4.95
N ARG A 604 2.43 29.33 4.53
CA ARG A 604 2.67 29.08 3.11
C ARG A 604 1.88 27.87 2.63
N PHE A 605 1.82 26.82 3.44
CA PHE A 605 1.04 25.62 3.11
C PHE A 605 -0.42 25.97 2.87
N VAL A 606 -1.03 26.72 3.79
CA VAL A 606 -2.44 27.05 3.61
C VAL A 606 -2.63 28.04 2.47
N TRP A 607 -1.60 28.81 2.13
CA TRP A 607 -1.73 29.77 1.03
C TRP A 607 -1.73 29.08 -0.33
N ASN A 608 -0.94 28.01 -0.48
CA ASN A 608 -0.79 27.37 -1.80
C ASN A 608 -2.12 26.85 -2.34
N PHE A 609 -2.92 26.20 -1.49
CA PHE A 609 -4.20 25.64 -1.92
C PHE A 609 -5.02 26.67 -2.69
N PHE A 610 -5.35 27.77 -2.03
CA PHE A 610 -6.21 28.77 -2.62
C PHE A 610 -5.52 29.51 -3.75
N ARG A 611 -4.20 29.69 -3.67
CA ARG A 611 -3.51 30.34 -4.78
C ARG A 611 -3.70 29.55 -6.06
N LEU A 612 -3.51 28.24 -6.02
CA LEU A 612 -3.68 27.48 -7.26
C LEU A 612 -5.13 27.27 -7.66
N GLU A 613 -6.07 27.18 -6.71
CA GLU A 613 -7.45 27.07 -7.19
C GLU A 613 -7.88 28.37 -7.87
N ASN A 614 -7.33 29.51 -7.42
CA ASN A 614 -7.65 30.78 -8.07
C ASN A 614 -6.94 30.91 -9.41
N GLU A 615 -5.71 30.42 -9.50
CA GLU A 615 -5.00 30.46 -10.78
C GLU A 615 -5.56 29.47 -11.78
N HIS A 616 -6.30 28.46 -11.32
CA HIS A 616 -6.86 27.48 -12.26
C HIS A 616 -8.04 28.04 -13.04
N LEU A 617 -8.80 28.95 -12.46
CA LEU A 617 -10.02 29.47 -13.08
C LEU A 617 -9.77 30.78 -13.84
N ASN A 618 -9.28 31.80 -13.14
CA ASN A 618 -9.14 33.13 -13.76
C ASN A 618 -8.10 33.13 -14.87
N ASN A 619 -7.01 32.37 -14.70
CA ASN A 619 -5.92 32.28 -15.68
C ASN A 619 -5.32 33.67 -15.95
N CYS A 620 -4.71 34.22 -14.90
CA CYS A 620 -4.08 35.53 -14.97
C CYS A 620 -3.02 35.60 -16.06
N MET B 1 2.63 -8.03 -18.47
CA MET B 1 2.38 -7.16 -19.61
C MET B 1 1.49 -7.87 -20.63
N LYS B 2 0.67 -7.07 -21.33
CA LYS B 2 -0.24 -7.59 -22.37
C LYS B 2 -1.21 -8.61 -21.81
N PHE B 3 -1.83 -9.37 -22.70
CA PHE B 3 -2.79 -10.40 -22.28
C PHE B 3 -2.10 -11.56 -21.57
N ALA B 4 -0.78 -11.72 -21.74
CA ALA B 4 -0.06 -12.83 -21.14
C ALA B 4 -0.17 -12.81 -19.62
N GLU B 5 0.32 -11.74 -18.99
CA GLU B 5 0.27 -11.67 -17.54
C GLU B 5 -1.16 -11.51 -17.03
N HIS B 6 -2.03 -10.91 -17.84
CA HIS B 6 -3.45 -10.84 -17.47
C HIS B 6 -4.02 -12.24 -17.29
N LEU B 7 -3.82 -13.10 -18.28
CA LEU B 7 -4.27 -14.48 -18.17
C LEU B 7 -3.57 -15.19 -17.02
N SER B 8 -2.25 -14.99 -16.88
CA SER B 8 -1.51 -15.67 -15.81
C SER B 8 -2.05 -15.31 -14.44
N ALA B 9 -2.47 -14.06 -14.25
CA ALA B 9 -3.10 -13.67 -12.99
C ALA B 9 -4.52 -14.21 -12.88
N HIS B 10 -5.23 -14.33 -14.00
CA HIS B 10 -6.60 -14.83 -13.99
C HIS B 10 -6.68 -16.35 -14.12
N ILE B 11 -5.57 -17.07 -13.98
CA ILE B 11 -5.62 -18.53 -14.02
C ILE B 11 -6.43 -19.06 -12.85
N THR B 12 -7.38 -19.92 -13.15
CA THR B 12 -8.05 -20.66 -12.09
C THR B 12 -7.10 -21.70 -11.51
N PRO B 13 -6.94 -21.76 -10.18
CA PRO B 13 -5.98 -22.70 -9.60
C PRO B 13 -6.29 -24.16 -9.91
N GLU B 14 -7.54 -24.50 -10.19
CA GLU B 14 -7.89 -25.90 -10.45
C GLU B 14 -7.56 -26.29 -11.89
N TRP B 15 -8.19 -25.64 -12.86
CA TRP B 15 -8.04 -26.01 -14.27
C TRP B 15 -6.99 -25.12 -14.95
N ARG B 16 -5.74 -25.23 -14.51
CA ARG B 16 -4.67 -24.46 -15.12
C ARG B 16 -4.28 -25.03 -16.48
N LYS B 17 -4.26 -26.35 -16.61
CA LYS B 17 -3.84 -26.98 -17.86
C LYS B 17 -4.86 -26.78 -18.98
N GLN B 18 -6.14 -26.67 -18.64
CA GLN B 18 -7.17 -26.53 -19.66
C GLN B 18 -7.12 -25.18 -20.37
N TYR B 19 -6.50 -24.18 -19.76
CA TYR B 19 -6.45 -22.85 -20.37
C TYR B 19 -5.54 -22.85 -21.59
N ILE B 20 -5.71 -21.83 -22.42
CA ILE B 20 -4.92 -21.70 -23.63
C ILE B 20 -3.46 -21.42 -23.27
N GLN B 21 -2.55 -22.13 -23.93
CA GLN B 21 -1.12 -21.98 -23.69
C GLN B 21 -0.59 -20.83 -24.57
N TYR B 22 -0.93 -19.62 -24.14
CA TYR B 22 -0.48 -18.43 -24.88
C TYR B 22 1.03 -18.38 -24.98
N GLU B 23 1.71 -18.74 -23.89
CA GLU B 23 3.17 -18.73 -23.89
C GLU B 23 3.74 -19.74 -24.88
N ALA B 24 3.13 -20.93 -24.96
CA ALA B 24 3.65 -21.95 -25.87
C ALA B 24 3.59 -21.49 -27.32
N PHE B 25 2.42 -21.01 -27.76
CA PHE B 25 2.30 -20.51 -29.13
C PHE B 25 3.17 -19.29 -29.34
N LYS B 26 3.27 -18.44 -28.33
CA LYS B 26 4.14 -17.26 -28.40
C LYS B 26 5.57 -17.66 -28.74
N ASP B 27 6.15 -18.54 -27.92
CA ASP B 27 7.55 -18.92 -28.12
C ASP B 27 7.73 -19.75 -29.39
N MET B 28 6.73 -20.54 -29.80
CA MET B 28 6.93 -21.28 -31.04
C MET B 28 6.88 -20.36 -32.25
N LEU B 29 6.05 -19.32 -32.21
CA LEU B 29 6.07 -18.33 -33.30
C LEU B 29 7.39 -17.57 -33.33
N TYR B 30 7.93 -17.20 -32.16
CA TYR B 30 9.26 -16.59 -32.16
C TYR B 30 10.33 -17.58 -32.64
N SER B 31 10.14 -18.87 -32.37
CA SER B 31 11.07 -19.86 -32.92
C SER B 31 10.97 -19.92 -34.44
N ALA B 32 9.76 -19.80 -34.97
CA ALA B 32 9.59 -19.72 -36.42
C ALA B 32 10.30 -18.50 -36.99
N GLN B 33 10.18 -17.36 -36.32
CA GLN B 33 10.78 -16.13 -36.84
C GLN B 33 12.30 -16.12 -36.68
N ASP B 34 12.82 -16.82 -35.65
CA ASP B 34 14.23 -16.67 -35.31
C ASP B 34 15.15 -17.32 -36.33
N GLN B 35 14.73 -18.45 -36.91
CA GLN B 35 15.61 -19.20 -37.81
C GLN B 35 16.08 -18.33 -38.96
N ALA B 36 15.16 -17.89 -39.82
CA ALA B 36 15.39 -16.89 -40.84
C ALA B 36 16.69 -17.12 -41.60
N PRO B 37 16.76 -18.09 -42.50
CA PRO B 37 18.00 -18.36 -43.23
C PRO B 37 18.43 -17.14 -44.04
N SER B 38 19.63 -17.26 -44.61
CA SER B 38 20.23 -16.14 -45.33
C SER B 38 19.33 -15.70 -46.48
N VAL B 39 19.28 -14.40 -46.73
CA VAL B 39 18.33 -13.83 -47.67
C VAL B 39 18.57 -14.35 -49.09
N GLU B 40 19.84 -14.52 -49.48
CA GLU B 40 20.18 -15.04 -50.81
C GLU B 40 21.17 -16.19 -50.64
N VAL B 41 20.66 -17.38 -50.35
CA VAL B 41 21.42 -18.62 -50.47
C VAL B 41 20.58 -19.61 -51.27
N THR B 42 19.26 -19.43 -51.22
CA THR B 42 18.32 -20.29 -51.92
C THR B 42 17.17 -19.45 -52.45
N ASP B 43 16.31 -20.07 -53.25
CA ASP B 43 15.18 -19.37 -53.84
C ASP B 43 14.14 -19.05 -52.77
N GLU B 44 13.29 -18.07 -53.09
CA GLU B 44 12.19 -17.71 -52.20
C GLU B 44 11.20 -18.86 -52.05
N ASP B 45 11.25 -19.84 -52.96
CA ASP B 45 10.39 -21.01 -52.83
C ASP B 45 10.66 -21.75 -51.53
N THR B 46 11.94 -21.88 -51.15
CA THR B 46 12.27 -22.55 -49.90
C THR B 46 11.71 -21.79 -48.70
N VAL B 47 11.83 -20.45 -48.72
CA VAL B 47 11.33 -19.64 -47.61
C VAL B 47 9.81 -19.76 -47.51
N LYS B 48 9.13 -19.72 -48.66
CA LYS B 48 7.67 -19.85 -48.64
C LYS B 48 7.24 -21.25 -48.22
N ARG B 49 8.00 -22.28 -48.58
CA ARG B 49 7.69 -23.63 -48.13
C ARG B 49 7.87 -23.76 -46.63
N TYR B 50 8.92 -23.15 -46.08
CA TYR B 50 9.10 -23.11 -44.63
C TYR B 50 7.92 -22.41 -43.97
N PHE B 51 7.51 -21.27 -44.50
CA PHE B 51 6.36 -20.55 -43.96
C PHE B 51 5.10 -21.41 -44.00
N ALA B 52 4.87 -22.09 -45.12
CA ALA B 52 3.67 -22.91 -45.27
C ALA B 52 3.68 -24.09 -44.31
N LYS B 53 4.81 -24.77 -44.17
CA LYS B 53 4.87 -25.92 -43.27
C LYS B 53 4.70 -25.51 -41.82
N PHE B 54 5.32 -24.40 -41.41
CA PHE B 54 5.13 -23.94 -40.04
C PHE B 54 3.72 -23.45 -39.81
N GLU B 55 3.11 -22.84 -40.83
CA GLU B 55 1.71 -22.44 -40.72
C GLU B 55 0.80 -23.65 -40.56
N GLU B 56 1.09 -24.72 -41.31
CA GLU B 56 0.29 -25.94 -41.20
C GLU B 56 0.42 -26.56 -39.81
N LYS B 57 1.65 -26.58 -39.27
CA LYS B 57 1.83 -27.10 -37.92
C LYS B 57 1.11 -26.22 -36.89
N PHE B 58 1.17 -24.91 -37.09
CA PHE B 58 0.47 -23.97 -36.21
C PHE B 58 -1.03 -24.23 -36.23
N PHE B 59 -1.60 -24.41 -37.42
CA PHE B 59 -3.02 -24.73 -37.53
C PHE B 59 -3.35 -26.07 -36.89
N GLN B 60 -2.47 -27.06 -37.06
CA GLN B 60 -2.70 -28.36 -36.45
C GLN B 60 -2.76 -28.25 -34.93
N THR B 61 -1.80 -27.54 -34.35
CA THR B 61 -1.78 -27.38 -32.89
C THR B 61 -2.99 -26.59 -32.42
N CYS B 62 -3.36 -25.54 -33.15
CA CYS B 62 -4.52 -24.73 -32.77
C CYS B 62 -5.79 -25.56 -32.83
N GLU B 63 -5.94 -26.40 -33.87
CA GLU B 63 -7.11 -27.25 -33.98
C GLU B 63 -7.16 -28.27 -32.84
N LYS B 64 -6.00 -28.85 -32.49
CA LYS B 64 -5.97 -29.81 -31.39
C LYS B 64 -6.40 -29.16 -30.08
N GLU B 65 -5.83 -27.99 -29.77
CA GLU B 65 -6.19 -27.33 -28.51
C GLU B 65 -7.64 -26.86 -28.54
N LEU B 66 -8.13 -26.43 -29.71
CA LEU B 66 -9.53 -26.02 -29.82
C LEU B 66 -10.46 -27.20 -29.58
N ALA B 67 -10.13 -28.36 -30.14
CA ALA B 67 -10.95 -29.55 -29.90
C ALA B 67 -10.93 -29.94 -28.44
N LYS B 68 -9.77 -29.82 -27.78
CA LYS B 68 -9.70 -30.10 -26.36
C LYS B 68 -10.57 -29.13 -25.56
N ILE B 69 -10.56 -27.85 -25.95
CA ILE B 69 -11.43 -26.87 -25.32
C ILE B 69 -12.89 -27.25 -25.50
N ASN B 70 -13.28 -27.65 -26.71
CA ASN B 70 -14.67 -28.01 -26.95
C ASN B 70 -15.09 -29.19 -26.08
N THR B 71 -14.24 -30.23 -26.02
CA THR B 71 -14.58 -31.40 -25.22
C THR B 71 -14.69 -31.04 -23.74
N PHE B 72 -13.72 -30.27 -23.22
CA PHE B 72 -13.73 -29.88 -21.82
C PHE B 72 -14.96 -29.06 -21.50
N TYR B 73 -15.29 -28.09 -22.35
CA TYR B 73 -16.45 -27.23 -22.11
C TYR B 73 -17.75 -28.02 -22.17
N SER B 74 -17.87 -28.94 -23.13
CA SER B 74 -19.08 -29.74 -23.24
C SER B 74 -19.27 -30.60 -21.99
N GLU B 75 -18.19 -31.25 -21.55
CA GLU B 75 -18.29 -32.08 -20.35
C GLU B 75 -18.67 -31.24 -19.13
N LYS B 76 -17.98 -30.10 -18.96
CA LYS B 76 -18.26 -29.22 -17.83
C LYS B 76 -19.70 -28.75 -17.83
N LEU B 77 -20.20 -28.35 -18.99
CA LEU B 77 -21.60 -27.97 -19.14
C LEU B 77 -22.52 -29.11 -18.79
N ALA B 78 -22.14 -30.35 -19.15
CA ALA B 78 -22.96 -31.50 -18.81
C ALA B 78 -23.13 -31.64 -17.30
N GLU B 79 -22.02 -31.65 -16.55
CA GLU B 79 -22.25 -31.74 -15.11
C GLU B 79 -22.84 -30.46 -14.55
N ALA B 80 -22.71 -29.34 -15.25
CA ALA B 80 -23.37 -28.11 -14.81
C ALA B 80 -24.88 -28.30 -14.77
N GLN B 81 -25.47 -28.79 -15.87
CA GLN B 81 -26.90 -29.02 -15.84
C GLN B 81 -27.28 -30.18 -14.92
N ARG B 82 -26.45 -31.22 -14.81
CA ARG B 82 -26.83 -32.30 -13.90
C ARG B 82 -26.85 -31.82 -12.44
N ARG B 83 -25.86 -31.02 -12.05
CA ARG B 83 -25.85 -30.43 -10.72
C ARG B 83 -27.01 -29.47 -10.53
N PHE B 84 -27.34 -28.70 -11.57
CA PHE B 84 -28.49 -27.81 -11.50
C PHE B 84 -29.78 -28.58 -11.25
N ALA B 85 -29.96 -29.70 -11.97
CA ALA B 85 -31.14 -30.52 -11.74
C ALA B 85 -31.17 -31.10 -10.34
N THR B 86 -30.00 -31.56 -9.85
CA THR B 86 -29.96 -32.12 -8.51
C THR B 86 -30.31 -31.09 -7.45
N LEU B 87 -29.75 -29.88 -7.57
CA LEU B 87 -30.06 -28.83 -6.60
C LEU B 87 -31.50 -28.37 -6.72
N GLN B 88 -32.06 -28.36 -7.94
CA GLN B 88 -33.46 -28.02 -8.09
C GLN B 88 -34.35 -29.04 -7.40
N ASN B 89 -34.02 -30.33 -7.53
CA ASN B 89 -34.78 -31.37 -6.85
C ASN B 89 -34.68 -31.21 -5.33
N GLU B 90 -33.47 -30.94 -4.83
CA GLU B 90 -33.32 -30.74 -3.39
C GLU B 90 -34.10 -29.53 -2.90
N LEU B 91 -34.07 -28.44 -3.68
CA LEU B 91 -34.82 -27.24 -3.31
C LEU B 91 -36.32 -27.50 -3.30
N GLN B 92 -36.82 -28.24 -4.29
CA GLN B 92 -38.24 -28.56 -4.33
C GLN B 92 -38.62 -29.42 -3.12
N SER B 93 -37.78 -30.40 -2.78
CA SER B 93 -38.06 -31.23 -1.61
C SER B 93 -38.10 -30.39 -0.34
N SER B 94 -37.11 -29.49 -0.17
CA SER B 94 -37.08 -28.65 1.01
C SER B 94 -38.31 -27.75 1.08
N LEU B 95 -38.69 -27.15 -0.05
CA LEU B 95 -39.83 -26.25 -0.08
C LEU B 95 -41.14 -26.99 0.24
N ASP B 96 -41.33 -28.18 -0.34
CA ASP B 96 -42.58 -28.90 -0.08
C ASP B 96 -42.60 -29.46 1.34
N ALA B 97 -41.44 -29.77 1.92
CA ALA B 97 -41.40 -30.15 3.32
C ALA B 97 -41.73 -28.96 4.23
N GLN B 98 -41.23 -27.77 3.87
CA GLN B 98 -41.53 -26.59 4.66
C GLN B 98 -43.00 -26.21 4.59
N LYS B 99 -43.61 -26.33 3.40
CA LYS B 99 -44.99 -25.89 3.22
C LYS B 99 -45.94 -26.72 4.08
N GLU B 100 -45.74 -28.03 4.14
CA GLU B 100 -46.60 -28.90 4.93
C GLU B 100 -46.30 -28.76 6.42
N SER B 118 -39.45 -25.30 16.61
CA SER B 118 -39.41 -26.73 16.85
C SER B 118 -38.21 -27.38 16.17
N HIS B 119 -38.05 -28.69 16.37
CA HIS B 119 -36.95 -29.41 15.74
C HIS B 119 -37.10 -29.40 14.22
N GLU B 120 -38.32 -29.56 13.72
CA GLU B 120 -38.55 -29.52 12.28
C GLU B 120 -38.20 -28.16 11.71
N GLU B 121 -38.56 -27.08 12.42
CA GLU B 121 -38.25 -25.74 11.95
C GLU B 121 -36.75 -25.50 11.92
N ARG B 122 -36.02 -25.99 12.93
CA ARG B 122 -34.58 -25.83 12.94
C ARG B 122 -33.92 -26.65 11.84
N VAL B 123 -34.45 -27.85 11.56
CA VAL B 123 -33.94 -28.64 10.45
C VAL B 123 -34.16 -27.92 9.13
N GLN B 124 -35.35 -27.33 8.94
CA GLN B 124 -35.62 -26.57 7.74
C GLN B 124 -34.69 -25.36 7.63
N HIS B 125 -34.42 -24.69 8.75
CA HIS B 125 -33.53 -23.53 8.74
C HIS B 125 -32.12 -23.91 8.34
N ARG B 126 -31.57 -24.95 8.96
CA ARG B 126 -30.22 -25.38 8.61
C ARG B 126 -30.17 -25.87 7.16
N ASN B 127 -31.22 -26.57 6.70
CA ASN B 127 -31.24 -27.05 5.33
C ASN B 127 -31.28 -25.90 4.34
N ILE B 128 -32.08 -24.87 4.60
CA ILE B 128 -32.15 -23.76 3.67
C ILE B 128 -30.88 -22.94 3.70
N LYS B 129 -30.22 -22.82 4.86
CA LYS B 129 -28.93 -22.13 4.89
C LYS B 129 -27.88 -22.90 4.09
N ASP B 130 -27.84 -24.23 4.25
CA ASP B 130 -26.93 -25.04 3.45
C ASP B 130 -27.25 -24.93 1.97
N LEU B 131 -28.53 -24.87 1.63
CA LEU B 131 -28.95 -24.70 0.25
C LEU B 131 -28.51 -23.35 -0.31
N LYS B 132 -28.59 -22.30 0.50
CA LYS B 132 -28.10 -21.00 0.08
C LYS B 132 -26.60 -21.04 -0.19
N LEU B 133 -25.85 -21.72 0.69
CA LEU B 133 -24.41 -21.86 0.47
C LEU B 133 -24.13 -22.66 -0.81
N ALA B 134 -24.91 -23.72 -1.04
CA ALA B 134 -24.73 -24.54 -2.24
C ALA B 134 -25.04 -23.73 -3.50
N PHE B 135 -26.09 -22.92 -3.46
CA PHE B 135 -26.39 -22.05 -4.60
C PHE B 135 -25.29 -21.03 -4.81
N SER B 136 -24.70 -20.53 -3.71
CA SER B 136 -23.59 -19.59 -3.83
C SER B 136 -22.42 -20.23 -4.56
N GLU B 137 -22.01 -21.42 -4.12
CA GLU B 137 -20.89 -22.07 -4.78
C GLU B 137 -21.21 -22.50 -6.21
N PHE B 138 -22.47 -22.88 -6.49
CA PHE B 138 -22.86 -23.16 -7.86
C PHE B 138 -22.77 -21.92 -8.73
N TYR B 139 -23.16 -20.77 -8.18
CA TYR B 139 -23.05 -19.51 -8.92
C TYR B 139 -21.59 -19.16 -9.20
N LEU B 140 -20.71 -19.39 -8.21
CA LEU B 140 -19.28 -19.23 -8.45
C LEU B 140 -18.79 -20.17 -9.55
N SER B 141 -19.26 -21.42 -9.55
CA SER B 141 -18.85 -22.34 -10.61
C SER B 141 -19.31 -21.85 -11.98
N LEU B 142 -20.55 -21.36 -12.05
CA LEU B 142 -21.09 -20.88 -13.33
C LEU B 142 -20.30 -19.68 -13.84
N ILE B 143 -20.00 -18.72 -12.95
CA ILE B 143 -19.23 -17.56 -13.37
C ILE B 143 -17.80 -17.97 -13.72
N LEU B 144 -17.25 -18.98 -13.04
CA LEU B 144 -15.93 -19.48 -13.40
C LEU B 144 -15.94 -20.07 -14.80
N LEU B 145 -16.99 -20.81 -15.15
CA LEU B 145 -17.12 -21.32 -16.52
C LEU B 145 -17.23 -20.18 -17.53
N GLN B 146 -18.01 -19.15 -17.19
CA GLN B 146 -18.16 -18.01 -18.09
C GLN B 146 -16.83 -17.31 -18.30
N ASN B 147 -16.07 -17.11 -17.23
CA ASN B 147 -14.74 -16.51 -17.34
C ASN B 147 -13.81 -17.40 -18.15
N TYR B 148 -13.91 -18.71 -17.97
CA TYR B 148 -13.17 -19.65 -18.79
C TYR B 148 -13.43 -19.41 -20.27
N GLN B 149 -14.70 -19.38 -20.65
CA GLN B 149 -15.04 -19.22 -22.06
C GLN B 149 -14.59 -17.86 -22.60
N ASN B 150 -14.80 -16.80 -21.81
CA ASN B 150 -14.42 -15.47 -22.26
C ASN B 150 -12.91 -15.34 -22.40
N LEU B 151 -12.15 -15.90 -21.45
CA LEU B 151 -10.69 -15.84 -21.52
C LEU B 151 -10.18 -16.65 -22.72
N ASN B 152 -10.78 -17.81 -22.97
CA ASN B 152 -10.38 -18.59 -24.14
C ASN B 152 -10.63 -17.82 -25.43
N PHE B 153 -11.81 -17.21 -25.55
CA PHE B 153 -12.12 -16.43 -26.74
C PHE B 153 -11.17 -15.25 -26.91
N THR B 154 -10.89 -14.54 -25.82
CA THR B 154 -9.97 -13.40 -25.89
C THR B 154 -8.57 -13.85 -26.28
N GLY B 155 -8.11 -14.95 -25.70
CA GLY B 155 -6.80 -15.46 -26.06
C GLY B 155 -6.73 -15.86 -27.53
N PHE B 156 -7.78 -16.52 -28.03
CA PHE B 156 -7.81 -16.90 -29.44
C PHE B 156 -7.72 -15.67 -30.34
N ARG B 157 -8.53 -14.64 -30.04
CA ARG B 157 -8.51 -13.47 -30.90
C ARG B 157 -7.16 -12.75 -30.83
N LYS B 158 -6.56 -12.69 -29.64
CA LYS B 158 -5.27 -12.02 -29.49
C LYS B 158 -4.17 -12.77 -30.24
N ILE B 159 -4.12 -14.10 -30.10
CA ILE B 159 -3.07 -14.86 -30.76
C ILE B 159 -3.24 -14.83 -32.28
N LEU B 160 -4.50 -14.86 -32.75
CA LEU B 160 -4.72 -14.81 -34.19
C LEU B 160 -4.35 -13.43 -34.74
N LYS B 161 -4.65 -12.36 -34.01
CA LYS B 161 -4.23 -11.03 -34.45
C LYS B 161 -2.71 -10.92 -34.46
N LYS B 162 -2.04 -11.47 -33.45
CA LYS B 162 -0.58 -11.42 -33.40
C LYS B 162 0.01 -12.19 -34.57
N HIS B 163 -0.55 -13.36 -34.89
CA HIS B 163 -0.07 -14.15 -36.02
C HIS B 163 -0.28 -13.41 -37.34
N ASP B 164 -1.47 -12.83 -37.53
CA ASP B 164 -1.72 -12.07 -38.75
C ASP B 164 -0.77 -10.88 -38.88
N LYS B 165 -0.41 -10.29 -37.74
CA LYS B 165 0.55 -9.18 -37.77
C LYS B 165 1.94 -9.66 -38.15
N ILE B 166 2.43 -10.73 -37.52
CA ILE B 166 3.81 -11.15 -37.75
C ILE B 166 3.98 -11.76 -39.15
N LEU B 167 3.01 -12.55 -39.61
CA LEU B 167 3.05 -13.16 -40.93
C LEU B 167 2.50 -12.26 -42.03
N GLU B 168 2.12 -11.02 -41.70
CA GLU B 168 1.57 -10.03 -42.62
C GLU B 168 0.56 -10.63 -43.61
N THR B 169 -0.24 -11.59 -43.14
CA THR B 169 -1.27 -12.21 -43.95
C THR B 169 -2.60 -12.14 -43.22
N SER B 170 -3.68 -12.32 -43.98
CA SER B 170 -5.03 -12.29 -43.44
C SER B 170 -5.60 -13.67 -43.20
N ARG B 171 -4.77 -14.72 -43.29
CA ARG B 171 -5.27 -16.08 -43.12
C ARG B 171 -5.77 -16.33 -41.71
N GLY B 172 -5.20 -15.64 -40.71
CA GLY B 172 -5.64 -15.84 -39.34
C GLY B 172 -7.09 -15.44 -39.13
N ALA B 173 -7.50 -14.32 -39.73
CA ALA B 173 -8.89 -13.89 -39.60
C ALA B 173 -9.85 -14.89 -40.25
N ASP B 174 -9.47 -15.42 -41.42
CA ASP B 174 -10.32 -16.41 -42.06
C ASP B 174 -10.41 -17.69 -41.23
N TRP B 175 -9.29 -18.13 -40.67
CA TRP B 175 -9.32 -19.30 -39.80
C TRP B 175 -10.20 -19.05 -38.59
N ARG B 176 -10.09 -17.85 -37.99
CA ARG B 176 -10.91 -17.52 -36.83
C ARG B 176 -12.38 -17.54 -37.17
N VAL B 177 -12.77 -16.88 -38.27
CA VAL B 177 -14.19 -16.81 -38.60
C VAL B 177 -14.73 -18.18 -39.03
N ALA B 178 -13.87 -19.03 -39.60
CA ALA B 178 -14.32 -20.36 -40.01
C ALA B 178 -14.30 -21.38 -38.89
N HIS B 179 -13.62 -21.08 -37.77
CA HIS B 179 -13.48 -22.04 -36.68
C HIS B 179 -14.02 -21.53 -35.36
N VAL B 180 -13.74 -20.28 -34.99
CA VAL B 180 -13.97 -19.83 -33.63
C VAL B 180 -15.40 -19.35 -33.41
N GLU B 181 -15.91 -18.45 -34.27
CA GLU B 181 -17.27 -17.99 -34.10
C GLU B 181 -18.30 -19.09 -34.38
N VAL B 182 -17.86 -20.19 -34.99
CA VAL B 182 -18.71 -21.36 -35.15
C VAL B 182 -18.34 -22.47 -34.17
N ALA B 183 -17.40 -22.22 -33.27
CA ALA B 183 -17.02 -23.24 -32.30
C ALA B 183 -18.18 -23.48 -31.32
N PRO B 184 -18.45 -24.75 -30.97
CA PRO B 184 -19.59 -25.02 -30.09
C PRO B 184 -19.50 -24.33 -28.74
N PHE B 185 -18.30 -24.18 -28.18
CA PHE B 185 -18.18 -23.54 -26.88
C PHE B 185 -18.55 -22.06 -26.94
N TYR B 186 -18.14 -21.37 -28.02
CA TYR B 186 -18.44 -19.96 -28.15
C TYR B 186 -19.89 -19.71 -28.54
N THR B 187 -20.45 -20.58 -29.39
CA THR B 187 -21.83 -20.41 -29.83
C THR B 187 -22.84 -20.77 -28.76
N CYS B 188 -22.46 -21.57 -27.77
CA CYS B 188 -23.40 -22.00 -26.75
C CYS B 188 -23.59 -20.89 -25.72
N LYS B 189 -24.83 -20.43 -25.59
CA LYS B 189 -25.19 -19.40 -24.61
C LYS B 189 -26.01 -19.96 -23.46
N LYS B 190 -26.02 -21.28 -23.30
CA LYS B 190 -26.82 -21.91 -22.25
C LYS B 190 -26.36 -21.48 -20.87
N ILE B 191 -25.08 -21.09 -20.73
CA ILE B 191 -24.58 -20.64 -19.44
C ILE B 191 -25.29 -19.39 -18.98
N ASN B 192 -25.62 -18.48 -19.92
CA ASN B 192 -26.32 -17.26 -19.56
C ASN B 192 -27.73 -17.57 -19.07
N GLN B 193 -28.45 -18.44 -19.77
CA GLN B 193 -29.78 -18.83 -19.30
C GLN B 193 -29.69 -19.53 -17.96
N LEU B 194 -28.64 -20.33 -17.75
CA LEU B 194 -28.47 -21.02 -16.47
C LEU B 194 -28.30 -20.02 -15.34
N ILE B 195 -27.39 -19.05 -15.51
CA ILE B 195 -27.15 -18.09 -14.43
C ILE B 195 -28.38 -17.21 -14.21
N SER B 196 -29.09 -16.85 -15.28
CA SER B 196 -30.31 -16.07 -15.13
C SER B 196 -31.36 -16.85 -14.35
N GLU B 197 -31.52 -18.14 -14.66
CA GLU B 197 -32.49 -18.96 -13.95
C GLU B 197 -32.11 -19.11 -12.48
N THR B 198 -30.82 -19.31 -12.19
CA THR B 198 -30.40 -19.39 -10.79
C THR B 198 -30.68 -18.09 -10.05
N GLU B 199 -30.38 -16.95 -10.70
CA GLU B 199 -30.64 -15.66 -10.06
C GLU B 199 -32.14 -15.48 -9.80
N ALA B 200 -32.97 -15.83 -10.78
CA ALA B 200 -34.42 -15.69 -10.60
C ALA B 200 -34.93 -16.59 -9.49
N VAL B 201 -34.45 -17.83 -9.43
CA VAL B 201 -34.88 -18.75 -8.39
C VAL B 201 -34.47 -18.24 -7.02
N VAL B 202 -33.23 -17.76 -6.89
CA VAL B 202 -32.76 -17.23 -5.61
C VAL B 202 -33.59 -16.03 -5.19
N THR B 203 -33.87 -15.13 -6.13
CA THR B 203 -34.66 -13.94 -5.79
C THR B 203 -36.07 -14.31 -5.36
N ASN B 204 -36.71 -15.24 -6.08
CA ASN B 204 -38.13 -15.51 -5.84
C ASN B 204 -38.32 -16.48 -4.67
N GLU B 205 -37.79 -17.70 -4.79
CA GLU B 205 -38.10 -18.72 -3.81
C GLU B 205 -37.38 -18.46 -2.48
N LEU B 206 -36.12 -18.04 -2.54
CA LEU B 206 -35.28 -17.93 -1.35
C LEU B 206 -35.47 -16.59 -0.65
N GLU B 207 -35.20 -15.50 -1.36
CA GLU B 207 -35.23 -14.17 -0.77
C GLU B 207 -36.61 -13.53 -0.77
N ASP B 208 -37.61 -14.20 -1.35
CA ASP B 208 -38.99 -13.73 -1.36
C ASP B 208 -39.10 -12.34 -1.98
N GLY B 209 -38.46 -12.16 -3.14
CA GLY B 209 -38.53 -10.93 -3.88
C GLY B 209 -37.45 -9.92 -3.54
N ASP B 210 -36.65 -10.16 -2.51
CA ASP B 210 -35.57 -9.25 -2.14
C ASP B 210 -34.39 -9.50 -3.06
N ARG B 211 -34.42 -8.85 -4.23
CA ARG B 211 -33.33 -9.00 -5.18
C ARG B 211 -32.03 -8.44 -4.62
N GLN B 212 -32.11 -7.36 -3.84
CA GLN B 212 -30.92 -6.75 -3.27
C GLN B 212 -30.17 -7.73 -2.38
N LYS B 213 -30.89 -8.37 -1.45
CA LYS B 213 -30.25 -9.35 -0.58
C LYS B 213 -29.72 -10.53 -1.38
N ALA B 214 -30.43 -10.92 -2.43
CA ALA B 214 -29.98 -12.02 -3.28
C ALA B 214 -28.63 -11.71 -3.89
N MET B 215 -28.49 -10.54 -4.53
CA MET B 215 -27.17 -10.20 -5.09
C MET B 215 -26.12 -10.07 -3.99
N LYS B 216 -26.47 -9.41 -2.88
CA LYS B 216 -25.49 -9.19 -1.82
C LYS B 216 -24.95 -10.52 -1.29
N ARG B 217 -25.79 -11.54 -1.23
CA ARG B 217 -25.30 -12.87 -0.87
C ARG B 217 -24.56 -13.54 -2.03
N LEU B 218 -24.89 -13.17 -3.27
CA LEU B 218 -24.33 -13.82 -4.46
C LEU B 218 -23.27 -12.96 -5.14
N ARG B 219 -22.66 -12.02 -4.43
CA ARG B 219 -21.56 -11.25 -5.00
C ARG B 219 -20.36 -12.14 -5.27
N VAL B 220 -19.63 -11.80 -6.33
CA VAL B 220 -18.39 -12.48 -6.69
C VAL B 220 -17.31 -11.43 -6.85
N PRO B 221 -16.47 -11.24 -5.84
CA PRO B 221 -15.37 -10.27 -5.93
C PRO B 221 -14.37 -10.71 -6.99
N PRO B 222 -13.61 -9.76 -7.56
CA PRO B 222 -12.65 -10.13 -8.60
C PRO B 222 -11.47 -10.93 -8.06
N LEU B 223 -11.70 -12.21 -7.78
CA LEU B 223 -10.62 -13.07 -7.31
C LEU B 223 -9.55 -13.26 -8.38
N GLY B 224 -9.95 -13.25 -9.66
CA GLY B 224 -8.99 -13.43 -10.73
C GLY B 224 -7.98 -12.30 -10.80
N ALA B 225 -8.41 -11.08 -10.49
CA ALA B 225 -7.51 -9.92 -10.51
C ALA B 225 -6.78 -9.75 -9.18
N ALA B 226 -6.10 -10.81 -8.75
CA ALA B 226 -5.35 -10.83 -7.50
C ALA B 226 -6.20 -10.37 -6.33
N GLN B 227 -5.81 -9.27 -5.68
CA GLN B 227 -6.56 -8.72 -4.57
C GLN B 227 -6.23 -7.24 -4.39
N PRO B 228 -7.23 -6.36 -4.42
CA PRO B 228 -6.98 -4.92 -4.20
C PRO B 228 -6.81 -4.58 -2.72
N ALA B 229 -5.60 -4.77 -2.23
CA ALA B 229 -5.30 -4.49 -0.83
C ALA B 229 -5.32 -2.99 -0.59
N PRO B 230 -6.09 -2.50 0.39
CA PRO B 230 -6.11 -1.06 0.67
C PRO B 230 -4.74 -0.56 1.13
N ALA B 231 -4.43 0.67 0.75
CA ALA B 231 -3.14 1.25 1.10
C ALA B 231 -3.00 1.47 2.60
N TRP B 232 -4.12 1.67 3.30
CA TRP B 232 -4.06 1.89 4.75
C TRP B 232 -3.50 0.69 5.47
N THR B 233 -3.86 -0.52 5.04
CA THR B 233 -3.33 -1.72 5.68
C THR B 233 -1.81 -1.81 5.50
N THR B 234 -1.33 -1.54 4.28
CA THR B 234 0.11 -1.58 4.04
C THR B 234 0.84 -0.52 4.86
N PHE B 235 0.26 0.68 4.95
CA PHE B 235 0.87 1.74 5.75
C PHE B 235 0.95 1.33 7.22
N ARG B 236 -0.13 0.74 7.74
CA ARG B 236 -0.12 0.30 9.14
C ARG B 236 0.93 -0.79 9.36
N VAL B 237 1.05 -1.72 8.40
CA VAL B 237 2.05 -2.78 8.53
C VAL B 237 3.45 -2.18 8.57
N GLY B 238 3.72 -1.22 7.69
CA GLY B 238 5.03 -0.57 7.70
C GLY B 238 5.30 0.16 9.02
N LEU B 239 4.31 0.89 9.51
CA LEU B 239 4.47 1.61 10.77
C LEU B 239 4.78 0.66 11.92
N PHE B 240 4.02 -0.44 12.02
CA PHE B 240 4.24 -1.39 13.10
C PHE B 240 5.61 -2.05 12.98
N CYS B 241 6.02 -2.41 11.77
CA CYS B 241 7.32 -3.03 11.58
C CYS B 241 8.44 -2.09 11.99
N GLY B 242 8.34 -0.81 11.61
CA GLY B 242 9.38 0.14 11.98
C GLY B 242 9.47 0.36 13.47
N ILE B 243 8.32 0.55 14.13
CA ILE B 243 8.35 0.74 15.57
C ILE B 243 8.90 -0.51 16.25
N PHE B 244 8.54 -1.68 15.75
CA PHE B 244 9.03 -2.93 16.34
C PHE B 244 10.54 -3.06 16.22
N ILE B 245 11.09 -2.75 15.04
CA ILE B 245 12.53 -2.92 14.87
C ILE B 245 13.30 -1.91 15.71
N VAL B 246 12.80 -0.67 15.82
CA VAL B 246 13.51 0.31 16.64
C VAL B 246 13.44 -0.06 18.11
N LEU B 247 12.26 -0.53 18.56
CA LEU B 247 12.15 -0.98 19.95
C LEU B 247 13.05 -2.18 20.22
N ASN B 248 13.20 -3.07 19.24
CA ASN B 248 14.11 -4.19 19.40
C ASN B 248 15.55 -3.73 19.57
N ILE B 249 15.97 -2.76 18.76
CA ILE B 249 17.34 -2.27 18.85
C ILE B 249 17.58 -1.61 20.20
N THR B 250 16.64 -0.77 20.65
CA THR B 250 16.85 -0.11 21.93
C THR B 250 16.78 -1.10 23.09
N LEU B 251 15.99 -2.16 22.95
CA LEU B 251 15.97 -3.24 23.94
C LEU B 251 17.33 -3.92 24.03
N VAL B 252 17.94 -4.21 22.88
CA VAL B 252 19.26 -4.84 22.89
C VAL B 252 20.27 -3.94 23.59
N LEU B 253 20.30 -2.66 23.21
CA LEU B 253 21.27 -1.75 23.83
C LEU B 253 21.03 -1.62 25.33
N ALA B 254 19.78 -1.48 25.74
CA ALA B 254 19.47 -1.33 27.17
C ALA B 254 19.86 -2.57 27.95
N ALA B 255 19.60 -3.76 27.39
CA ALA B 255 19.97 -4.99 28.07
C ALA B 255 21.48 -5.12 28.19
N VAL B 256 22.22 -4.73 27.14
CA VAL B 256 23.67 -4.86 27.19
C VAL B 256 24.26 -3.89 28.22
N PHE B 257 23.76 -2.64 28.26
CA PHE B 257 24.41 -1.63 29.09
C PHE B 257 23.79 -1.51 30.48
N LYS B 258 22.50 -1.21 30.56
CA LYS B 258 21.88 -0.80 31.82
C LYS B 258 21.46 -1.98 32.70
N LEU B 259 22.05 -3.16 32.51
CA LEU B 259 21.78 -4.30 33.38
C LEU B 259 22.95 -4.52 34.32
N GLU B 260 22.66 -4.65 35.61
CA GLU B 260 23.66 -4.92 36.64
C GLU B 260 23.61 -6.39 37.03
N THR B 261 24.49 -6.78 37.95
CA THR B 261 24.65 -8.16 38.36
C THR B 261 24.19 -8.33 39.81
N ASP B 262 22.96 -8.82 39.98
CA ASP B 262 22.46 -9.23 41.28
C ASP B 262 21.72 -10.56 41.22
N ARG B 263 21.34 -11.04 40.04
CA ARG B 263 20.67 -12.32 39.89
C ARG B 263 20.91 -12.82 38.48
N SER B 264 21.00 -14.14 38.33
CA SER B 264 20.98 -14.74 37.01
C SER B 264 19.56 -14.65 36.46
N ILE B 265 19.39 -13.95 35.33
CA ILE B 265 18.05 -13.57 34.88
C ILE B 265 17.53 -14.76 34.07
N TRP B 266 17.07 -15.77 34.79
CA TRP B 266 16.32 -16.88 34.24
C TRP B 266 14.82 -16.58 34.15
N PRO B 267 14.17 -16.08 35.22
CA PRO B 267 12.70 -15.96 35.17
C PRO B 267 12.21 -15.08 34.03
N LEU B 268 12.90 -13.98 33.72
CA LEU B 268 12.41 -13.07 32.69
C LEU B 268 12.37 -13.75 31.33
N ILE B 269 13.47 -14.38 30.92
CA ILE B 269 13.47 -15.08 29.65
C ILE B 269 12.54 -16.28 29.71
N ARG B 270 12.51 -16.98 30.84
CA ARG B 270 11.63 -18.14 30.98
C ARG B 270 10.17 -17.77 30.86
N ILE B 271 9.80 -16.51 31.09
CA ILE B 271 8.43 -16.09 30.95
C ILE B 271 8.16 -15.49 29.56
N TYR B 272 9.09 -14.69 29.03
CA TYR B 272 8.85 -14.00 27.76
C TYR B 272 9.16 -14.86 26.54
N ARG B 273 9.78 -16.03 26.73
CA ARG B 273 10.03 -16.92 25.61
C ARG B 273 8.74 -17.33 24.92
N GLY B 274 7.66 -17.51 25.68
CA GLY B 274 6.39 -17.89 25.07
C GLY B 274 5.84 -16.81 24.15
N GLY B 275 5.88 -15.56 24.61
CA GLY B 275 5.44 -14.46 23.76
C GLY B 275 6.29 -14.34 22.52
N PHE B 276 7.61 -14.49 22.66
CA PHE B 276 8.47 -14.45 21.48
C PHE B 276 8.11 -15.55 20.50
N LEU B 277 7.87 -16.76 21.00
CA LEU B 277 7.52 -17.87 20.13
C LEU B 277 6.20 -17.60 19.40
N LEU B 278 5.21 -17.07 20.12
CA LEU B 278 3.93 -16.79 19.49
C LEU B 278 4.06 -15.75 18.39
N ILE B 279 4.81 -14.68 18.64
CA ILE B 279 4.98 -13.63 17.63
C ILE B 279 5.72 -14.18 16.41
N GLU B 280 6.77 -14.95 16.64
CA GLU B 280 7.50 -15.55 15.53
C GLU B 280 6.59 -16.47 14.73
N PHE B 281 5.75 -17.25 15.42
CA PHE B 281 4.84 -18.14 14.72
C PHE B 281 3.85 -17.39 13.85
N LEU B 282 3.30 -16.28 14.36
CA LEU B 282 2.37 -15.50 13.55
C LEU B 282 3.05 -14.92 12.32
N PHE B 283 4.26 -14.39 12.49
CA PHE B 283 4.98 -13.85 11.33
C PHE B 283 5.24 -14.94 10.29
N LEU B 284 5.69 -16.12 10.74
CA LEU B 284 5.96 -17.19 9.80
C LEU B 284 4.70 -17.70 9.13
N LEU B 285 3.57 -17.71 9.84
CA LEU B 285 2.32 -18.10 9.22
C LEU B 285 1.87 -17.09 8.17
N GLY B 286 2.14 -15.81 8.40
CA GLY B 286 1.86 -14.81 7.38
C GLY B 286 2.67 -15.04 6.12
N ILE B 287 3.98 -15.30 6.28
CA ILE B 287 4.81 -15.64 5.13
C ILE B 287 4.27 -16.90 4.45
N ASN B 288 3.83 -17.86 5.25
CA ASN B 288 3.31 -19.12 4.72
C ASN B 288 2.09 -18.89 3.83
N THR B 289 1.14 -18.09 4.31
CA THR B 289 -0.07 -17.88 3.51
C THR B 289 0.21 -17.02 2.29
N TYR B 290 1.16 -16.09 2.37
CA TYR B 290 1.55 -15.37 1.17
C TYR B 290 2.12 -16.30 0.11
N GLY B 291 3.01 -17.21 0.53
CA GLY B 291 3.55 -18.17 -0.42
C GLY B 291 2.49 -19.09 -0.99
N TRP B 292 1.53 -19.49 -0.15
CA TRP B 292 0.43 -20.33 -0.60
C TRP B 292 -0.37 -19.63 -1.68
N ARG B 293 -0.71 -18.36 -1.45
CA ARG B 293 -1.47 -17.60 -2.45
C ARG B 293 -0.67 -17.42 -3.73
N GLN B 294 0.63 -17.14 -3.62
CA GLN B 294 1.43 -16.91 -4.80
C GLN B 294 1.58 -18.17 -5.64
N ALA B 295 1.78 -19.32 -4.99
CA ALA B 295 2.04 -20.55 -5.72
C ALA B 295 0.82 -21.04 -6.51
N GLY B 296 -0.38 -20.62 -6.11
CA GLY B 296 -1.59 -21.07 -6.77
C GLY B 296 -2.28 -22.25 -6.14
N VAL B 297 -1.88 -22.65 -4.93
CA VAL B 297 -2.52 -23.75 -4.23
C VAL B 297 -3.84 -23.27 -3.66
N ASN B 298 -4.92 -23.99 -3.97
CA ASN B 298 -6.25 -23.60 -3.53
C ASN B 298 -6.42 -23.89 -2.04
N HIS B 299 -5.80 -23.08 -1.20
CA HIS B 299 -5.86 -23.32 0.24
C HIS B 299 -7.22 -22.97 0.81
N VAL B 300 -7.93 -22.01 0.22
CA VAL B 300 -9.23 -21.60 0.76
C VAL B 300 -10.24 -22.74 0.63
N LEU B 301 -10.16 -23.52 -0.45
CA LEU B 301 -11.03 -24.68 -0.58
C LEU B 301 -10.69 -25.75 0.46
N ILE B 302 -9.39 -25.97 0.69
CA ILE B 302 -8.97 -27.04 1.59
C ILE B 302 -9.47 -26.78 3.00
N PHE B 303 -9.33 -25.54 3.47
CA PHE B 303 -9.76 -25.16 4.82
C PHE B 303 -11.25 -24.88 4.91
N GLU B 304 -12.01 -25.21 3.86
CA GLU B 304 -13.45 -24.93 3.73
C GLU B 304 -13.80 -23.51 4.18
N LEU B 305 -12.89 -22.57 3.98
CA LEU B 305 -13.16 -21.17 4.30
C LEU B 305 -14.16 -20.58 3.30
N ASN B 306 -14.81 -19.51 3.73
CA ASN B 306 -15.74 -18.81 2.87
C ASN B 306 -14.97 -18.00 1.83
N PRO B 307 -15.16 -18.25 0.53
CA PRO B 307 -14.39 -17.50 -0.48
C PRO B 307 -14.69 -16.00 -0.49
N ARG B 308 -15.81 -15.57 0.09
CA ARG B 308 -16.11 -14.15 0.20
C ARG B 308 -15.18 -13.40 1.13
N SER B 309 -14.70 -14.03 2.20
CA SER B 309 -13.94 -13.32 3.22
C SER B 309 -12.83 -14.25 3.72
N ASN B 310 -11.60 -13.99 3.24
CA ASN B 310 -10.43 -14.70 3.71
C ASN B 310 -9.35 -13.69 4.04
N LEU B 311 -8.46 -14.06 4.97
CA LEU B 311 -7.45 -13.16 5.49
C LEU B 311 -6.16 -13.31 4.70
N SER B 312 -5.77 -12.25 4.02
CA SER B 312 -4.49 -12.24 3.31
C SER B 312 -3.36 -12.08 4.32
N HIS B 313 -2.12 -12.11 3.80
CA HIS B 313 -0.96 -12.11 4.68
C HIS B 313 -0.79 -10.79 5.42
N GLN B 314 -1.29 -9.69 4.85
CA GLN B 314 -1.06 -8.38 5.45
C GLN B 314 -1.70 -8.27 6.83
N HIS B 315 -2.90 -8.83 7.00
CA HIS B 315 -3.55 -8.80 8.31
C HIS B 315 -2.75 -9.58 9.34
N LEU B 316 -2.22 -10.74 8.94
CA LEU B 316 -1.38 -11.52 9.85
C LEU B 316 -0.13 -10.74 10.23
N PHE B 317 0.49 -10.05 9.27
CA PHE B 317 1.66 -9.24 9.59
C PHE B 317 1.30 -8.12 10.55
N GLU B 318 0.14 -7.50 10.36
CA GLU B 318 -0.30 -6.43 11.26
C GLU B 318 -0.48 -6.95 12.68
N ILE B 319 -1.15 -8.11 12.83
CA ILE B 319 -1.39 -8.65 14.15
C ILE B 319 -0.07 -9.03 14.83
N ALA B 320 0.84 -9.66 14.06
CA ALA B 320 2.13 -10.03 14.61
C ALA B 320 2.90 -8.80 15.05
N GLY B 321 2.89 -7.74 14.25
CA GLY B 321 3.57 -6.52 14.63
C GLY B 321 3.00 -5.90 15.89
N PHE B 322 1.67 -5.88 16.01
CA PHE B 322 1.06 -5.29 17.20
C PHE B 322 1.41 -6.08 18.45
N LEU B 323 1.34 -7.42 18.38
CA LEU B 323 1.72 -8.22 19.54
C LEU B 323 3.20 -8.07 19.86
N GLY B 324 4.05 -7.95 18.85
CA GLY B 324 5.46 -7.70 19.10
C GLY B 324 5.69 -6.37 19.80
N ILE B 325 4.95 -5.34 19.40
CA ILE B 325 5.04 -4.05 20.07
C ILE B 325 4.67 -4.18 21.53
N LEU B 326 3.54 -4.83 21.81
CA LEU B 326 3.10 -4.99 23.19
C LEU B 326 4.16 -5.73 24.01
N TRP B 327 4.68 -6.84 23.47
CA TRP B 327 5.67 -7.63 24.19
C TRP B 327 6.94 -6.82 24.45
N CYS B 328 7.43 -6.12 23.44
CA CYS B 328 8.69 -5.40 23.59
C CYS B 328 8.57 -4.26 24.59
N LEU B 329 7.48 -3.48 24.52
CA LEU B 329 7.29 -2.42 25.49
C LEU B 329 7.13 -2.97 26.90
N SER B 330 6.39 -4.07 27.06
CA SER B 330 6.26 -4.65 28.40
C SER B 330 7.61 -5.09 28.95
N LEU B 331 8.42 -5.76 28.12
CA LEU B 331 9.71 -6.23 28.60
C LEU B 331 10.65 -5.06 28.90
N LEU B 332 10.61 -4.01 28.08
CA LEU B 332 11.45 -2.84 28.34
C LEU B 332 11.05 -2.15 29.64
N ALA B 333 9.74 -2.05 29.89
CA ALA B 333 9.28 -1.53 31.17
C ALA B 333 9.74 -2.43 32.32
N CYS B 334 9.79 -3.74 32.09
CA CYS B 334 10.26 -4.65 33.12
C CYS B 334 11.73 -4.39 33.47
N PHE B 335 12.56 -4.17 32.46
CA PHE B 335 13.93 -3.74 32.74
C PHE B 335 13.96 -2.40 33.47
N PHE B 336 13.51 -1.33 32.82
CA PHE B 336 13.75 0.01 33.36
C PHE B 336 12.98 0.25 34.65
N ALA B 337 11.69 -0.07 34.66
CA ALA B 337 10.82 0.18 35.80
C ALA B 337 10.92 1.62 36.24
N PRO B 338 10.36 2.57 35.46
CA PRO B 338 10.53 3.99 35.79
C PRO B 338 10.00 4.37 37.16
N ILE B 339 8.71 4.15 37.40
CA ILE B 339 8.10 4.51 38.68
C ILE B 339 6.81 3.72 38.82
N SER B 340 6.58 3.20 40.03
CA SER B 340 5.36 2.51 40.39
C SER B 340 5.38 2.27 41.90
N VAL B 341 4.35 1.59 42.39
CA VAL B 341 4.32 1.12 43.76
C VAL B 341 4.59 -0.38 43.86
N ILE B 342 4.01 -1.19 42.96
CA ILE B 342 4.29 -2.61 42.89
C ILE B 342 5.40 -2.82 41.86
N PRO B 343 6.57 -3.32 42.27
CA PRO B 343 7.79 -3.08 41.48
C PRO B 343 7.81 -3.62 40.05
N THR B 344 7.73 -4.94 39.88
CA THR B 344 8.02 -5.49 38.57
C THR B 344 7.14 -6.64 38.11
N TYR B 345 6.36 -7.29 38.99
CA TYR B 345 5.65 -8.50 38.61
C TYR B 345 4.22 -8.22 38.16
N VAL B 346 3.99 -7.07 37.51
CA VAL B 346 2.71 -6.79 36.88
C VAL B 346 2.81 -6.78 35.36
N TYR B 347 3.98 -6.44 34.80
CA TYR B 347 4.10 -6.32 33.35
C TYR B 347 3.80 -7.62 32.60
N PRO B 348 4.41 -8.77 32.93
CA PRO B 348 4.04 -10.00 32.21
C PRO B 348 2.59 -10.38 32.40
N LEU B 349 2.07 -10.24 33.61
CA LEU B 349 0.66 -10.54 33.86
C LEU B 349 -0.25 -9.61 33.06
N ALA B 350 0.08 -8.32 33.02
CA ALA B 350 -0.73 -7.38 32.24
C ALA B 350 -0.69 -7.72 30.76
N LEU B 351 0.49 -8.04 30.23
CA LEU B 351 0.60 -8.37 28.81
C LEU B 351 -0.22 -9.62 28.47
N TYR B 352 -0.10 -10.66 29.30
CA TYR B 352 -0.83 -11.90 29.02
C TYR B 352 -2.33 -11.69 29.16
N GLY B 353 -2.75 -10.89 30.15
CA GLY B 353 -4.17 -10.58 30.27
C GLY B 353 -4.70 -9.81 29.07
N PHE B 354 -3.93 -8.84 28.58
CA PHE B 354 -4.35 -8.11 27.39
C PHE B 354 -4.45 -9.04 26.19
N MET B 355 -3.48 -9.96 26.03
CA MET B 355 -3.52 -10.88 24.90
C MET B 355 -4.75 -11.79 24.99
N VAL B 356 -5.00 -12.37 26.16
CA VAL B 356 -6.12 -13.30 26.30
C VAL B 356 -7.44 -12.58 26.13
N PHE B 357 -7.54 -11.32 26.60
CA PHE B 357 -8.75 -10.55 26.37
C PHE B 357 -8.92 -10.18 24.91
N PHE B 358 -7.82 -9.92 24.21
CA PHE B 358 -7.87 -9.69 22.77
C PHE B 358 -8.40 -10.91 22.04
N LEU B 359 -8.01 -12.11 22.50
CA LEU B 359 -8.48 -13.33 21.84
C LEU B 359 -9.97 -13.56 22.04
N ILE B 360 -10.52 -13.17 23.19
CA ILE B 360 -11.89 -13.54 23.53
C ILE B 360 -12.81 -12.32 23.47
N ASN B 361 -12.47 -11.35 22.63
CA ASN B 361 -13.29 -10.14 22.52
C ASN B 361 -14.67 -10.49 21.97
N PRO B 362 -15.75 -10.22 22.70
CA PRO B 362 -17.09 -10.57 22.21
C PRO B 362 -17.75 -9.54 21.32
N THR B 363 -17.21 -8.33 21.23
CA THR B 363 -17.78 -7.32 20.35
C THR B 363 -17.52 -7.67 18.89
N LYS B 364 -18.26 -7.03 18.00
CA LYS B 364 -18.08 -7.22 16.56
C LYS B 364 -17.00 -6.30 16.01
N THR B 365 -15.83 -6.34 16.64
CA THR B 365 -14.70 -5.50 16.25
C THR B 365 -13.44 -6.34 16.27
N PHE B 366 -12.42 -5.86 15.54
CA PHE B 366 -11.11 -6.51 15.49
C PHE B 366 -11.22 -7.94 14.96
N TYR B 367 -11.69 -8.06 13.72
CA TYR B 367 -11.83 -9.35 13.03
C TYR B 367 -12.66 -10.32 13.84
N TYR B 368 -13.94 -9.95 14.03
CA TYR B 368 -14.84 -10.77 14.84
C TYR B 368 -14.99 -12.18 14.27
N LYS B 369 -15.20 -12.28 12.95
CA LYS B 369 -15.39 -13.59 12.34
C LYS B 369 -14.13 -14.44 12.49
N SER B 370 -12.96 -13.84 12.30
CA SER B 370 -11.71 -14.58 12.41
C SER B 370 -11.55 -15.18 13.79
N ARG B 371 -11.71 -14.36 14.83
CA ARG B 371 -11.54 -14.84 16.18
C ARG B 371 -12.60 -15.87 16.56
N PHE B 372 -13.85 -15.65 16.14
CA PHE B 372 -14.90 -16.62 16.45
C PHE B 372 -14.60 -17.96 15.82
N TRP B 373 -14.22 -17.96 14.54
CA TRP B 373 -13.90 -19.21 13.86
C TRP B 373 -12.70 -19.89 14.50
N LEU B 374 -11.68 -19.12 14.85
CA LEU B 374 -10.48 -19.71 15.43
C LEU B 374 -10.78 -20.33 16.79
N LEU B 375 -11.57 -19.65 17.63
CA LEU B 375 -11.87 -20.22 18.94
C LEU B 375 -12.79 -21.42 18.83
N LYS B 376 -13.72 -21.42 17.86
CA LYS B 376 -14.53 -22.60 17.64
C LYS B 376 -13.67 -23.79 17.21
N LEU B 377 -12.71 -23.55 16.31
CA LEU B 377 -11.82 -24.63 15.89
C LEU B 377 -10.96 -25.10 17.06
N LEU B 378 -10.51 -24.20 17.92
CA LEU B 378 -9.70 -24.59 19.06
C LEU B 378 -10.51 -25.43 20.05
N PHE B 379 -11.76 -25.05 20.30
CA PHE B 379 -12.62 -25.86 21.16
C PHE B 379 -12.82 -27.25 20.55
N ARG B 380 -13.06 -27.31 19.24
CA ARG B 380 -13.24 -28.60 18.58
C ARG B 380 -11.99 -29.46 18.70
N VAL B 381 -10.80 -28.87 18.50
CA VAL B 381 -9.58 -29.66 18.56
C VAL B 381 -9.28 -30.10 19.98
N PHE B 382 -9.66 -29.30 20.98
CA PHE B 382 -9.42 -29.70 22.36
C PHE B 382 -10.43 -30.73 22.85
N THR B 383 -11.62 -30.81 22.24
CA THR B 383 -12.58 -31.85 22.55
C THR B 383 -12.67 -32.92 21.46
N ALA B 384 -11.66 -32.98 20.59
CA ALA B 384 -11.49 -33.92 19.48
C ALA B 384 -12.00 -35.34 19.71
N PRO B 385 -11.76 -35.99 20.88
CA PRO B 385 -12.26 -37.36 21.06
C PRO B 385 -13.74 -37.53 20.79
N PHE B 386 -14.51 -36.44 20.79
CA PHE B 386 -15.94 -36.47 20.54
C PHE B 386 -16.32 -35.74 19.25
N HIS B 387 -15.38 -35.53 18.35
CA HIS B 387 -15.64 -34.79 17.11
C HIS B 387 -14.98 -35.50 15.93
N LYS B 388 -15.46 -35.15 14.74
CA LYS B 388 -14.96 -35.74 13.50
C LYS B 388 -13.57 -35.20 13.19
N VAL B 389 -13.02 -35.60 12.05
CA VAL B 389 -11.69 -35.17 11.61
C VAL B 389 -11.85 -34.43 10.29
N GLY B 390 -11.57 -33.13 10.31
CA GLY B 390 -11.47 -32.34 9.11
C GLY B 390 -10.04 -31.90 8.89
N PHE B 391 -9.79 -31.30 7.73
CA PHE B 391 -8.43 -30.85 7.44
C PHE B 391 -8.05 -29.63 8.26
N ALA B 392 -9.01 -28.82 8.68
CA ALA B 392 -8.70 -27.70 9.55
C ALA B 392 -8.47 -28.12 10.99
N ASP B 393 -8.86 -29.32 11.36
CA ASP B 393 -8.71 -29.77 12.75
C ASP B 393 -7.31 -30.32 13.01
N PHE B 394 -6.93 -31.39 12.31
CA PHE B 394 -5.66 -32.03 12.64
C PHE B 394 -4.47 -31.18 12.21
N TRP B 395 -4.66 -30.29 11.23
CA TRP B 395 -3.59 -29.35 10.91
C TRP B 395 -3.31 -28.42 12.08
N LEU B 396 -4.36 -27.92 12.74
CA LEU B 396 -4.15 -27.12 13.93
C LEU B 396 -3.59 -27.96 15.07
N ALA B 397 -4.00 -29.23 15.17
CA ALA B 397 -3.44 -30.10 16.20
C ALA B 397 -1.94 -30.29 16.01
N ASP B 398 -1.50 -30.52 14.78
CA ASP B 398 -0.08 -30.63 14.49
C ASP B 398 0.64 -29.29 14.63
N GLN B 399 -0.05 -28.18 14.44
CA GLN B 399 0.51 -26.88 14.76
C GLN B 399 0.78 -26.74 16.25
N LEU B 400 -0.16 -27.17 17.07
CA LEU B 400 0.01 -27.08 18.52
C LEU B 400 1.02 -28.08 19.03
N ASN B 401 1.23 -29.17 18.30
CA ASN B 401 2.18 -30.19 18.73
C ASN B 401 3.60 -29.64 18.86
N SER B 402 3.96 -28.66 18.04
CA SER B 402 5.31 -28.11 18.08
C SER B 402 5.45 -26.94 19.05
N LEU B 403 4.37 -26.51 19.70
CA LEU B 403 4.40 -25.36 20.60
C LEU B 403 4.08 -25.77 22.03
N SER B 404 4.70 -26.86 22.51
CA SER B 404 4.57 -27.22 23.91
C SER B 404 5.34 -26.28 24.84
N VAL B 405 6.22 -25.47 24.28
CA VAL B 405 7.01 -24.55 25.10
C VAL B 405 6.13 -23.49 25.74
N ILE B 406 5.07 -23.05 25.05
CA ILE B 406 4.18 -22.07 25.65
C ILE B 406 3.47 -22.66 26.86
N LEU B 407 3.04 -23.91 26.77
CA LEU B 407 2.41 -24.56 27.93
C LEU B 407 3.40 -24.72 29.07
N MET B 408 4.64 -25.13 28.75
CA MET B 408 5.66 -25.25 29.78
C MET B 408 5.91 -23.91 30.48
N ASP B 409 6.05 -22.84 29.70
CA ASP B 409 6.32 -21.53 30.27
C ASP B 409 5.15 -21.04 31.10
N LEU B 410 3.91 -21.29 30.65
CA LEU B 410 2.75 -20.88 31.43
C LEU B 410 2.68 -21.64 32.75
N GLU B 411 2.95 -22.93 32.73
CA GLU B 411 2.96 -23.70 33.98
C GLU B 411 4.04 -23.22 34.92
N TYR B 412 5.23 -22.92 34.38
CA TYR B 412 6.31 -22.41 35.22
C TYR B 412 5.95 -21.05 35.81
N MET B 413 5.30 -20.19 35.02
CA MET B 413 4.90 -18.88 35.51
C MET B 413 3.87 -19.00 36.62
N ILE B 414 2.89 -19.89 36.44
CA ILE B 414 1.87 -20.04 37.49
C ILE B 414 2.49 -20.62 38.75
N CYS B 415 3.46 -21.54 38.59
CA CYS B 415 4.18 -22.06 39.75
C CYS B 415 4.94 -20.97 40.47
N PHE B 416 5.68 -20.15 39.72
CA PHE B 416 6.48 -19.11 40.34
C PHE B 416 5.61 -18.08 41.05
N TYR B 417 4.52 -17.66 40.41
CA TYR B 417 3.67 -16.63 40.99
C TYR B 417 2.78 -17.16 42.10
N SER B 418 2.55 -18.47 42.17
CA SER B 418 1.69 -19.02 43.21
C SER B 418 2.48 -19.41 44.46
N LEU B 419 3.51 -20.24 44.31
CA LEU B 419 4.23 -20.81 45.45
C LEU B 419 5.48 -20.02 45.82
N GLU B 420 6.41 -19.87 44.87
CA GLU B 420 7.72 -19.32 45.20
C GLU B 420 7.65 -17.82 45.52
N LEU B 421 6.95 -17.05 44.69
CA LEU B 421 6.96 -15.60 44.85
C LEU B 421 6.17 -15.18 46.08
N LYS B 422 6.77 -14.29 46.88
CA LYS B 422 6.08 -13.66 47.99
C LYS B 422 5.23 -12.52 47.43
N TRP B 423 3.92 -12.70 47.41
CA TRP B 423 3.04 -11.76 46.70
C TRP B 423 3.13 -10.37 47.30
N ASP B 424 3.11 -10.26 48.63
CA ASP B 424 3.17 -8.96 49.29
C ASP B 424 4.62 -8.57 49.63
N GLU B 425 5.48 -8.56 48.62
CA GLU B 425 6.88 -8.19 48.80
C GLU B 425 7.32 -7.38 47.58
N SER B 426 8.61 -7.07 47.52
CA SER B 426 9.16 -6.25 46.44
C SER B 426 10.33 -6.94 45.77
N LYS B 427 11.05 -6.20 44.91
CA LYS B 427 12.21 -6.70 44.20
C LYS B 427 11.85 -7.86 43.28
N GLY B 428 12.05 -9.09 43.74
CA GLY B 428 11.71 -10.25 42.95
C GLY B 428 12.88 -11.17 42.67
N LEU B 429 13.91 -11.10 43.51
CA LEU B 429 15.10 -11.92 43.39
C LEU B 429 15.31 -12.74 44.66
N LEU B 430 14.21 -13.26 45.21
CA LEU B 430 14.14 -14.05 46.44
C LEU B 430 15.28 -15.07 46.51
N PRO B 431 15.89 -15.27 47.68
CA PRO B 431 17.09 -16.11 47.76
C PRO B 431 16.84 -17.52 47.28
N ASN B 432 17.83 -18.08 46.59
CA ASN B 432 17.79 -19.45 46.11
C ASN B 432 18.33 -20.46 47.11
N ASN B 433 18.84 -19.99 48.25
CA ASN B 433 19.36 -20.88 49.28
C ASN B 433 18.27 -21.54 50.10
N SER B 434 17.04 -21.07 50.00
CA SER B 434 15.94 -21.64 50.78
C SER B 434 15.57 -23.02 50.24
N GLU B 435 14.95 -23.82 51.10
CA GLU B 435 14.50 -25.15 50.69
C GLU B 435 13.40 -25.06 49.64
N GLU B 436 12.51 -24.07 49.77
CA GLU B 436 11.44 -23.90 48.79
C GLU B 436 11.94 -23.39 47.44
N SER B 437 13.20 -22.97 47.34
CA SER B 437 13.74 -22.58 46.06
C SER B 437 13.89 -23.80 45.17
N GLY B 438 13.41 -23.70 43.95
CA GLY B 438 13.43 -24.82 43.03
C GLY B 438 12.35 -25.85 43.23
N ILE B 439 11.18 -25.44 43.75
CA ILE B 439 10.09 -26.39 43.95
C ILE B 439 9.69 -27.01 42.62
N CYS B 440 9.48 -26.17 41.60
CA CYS B 440 9.20 -26.66 40.25
C CYS B 440 10.39 -26.48 39.30
N HIS B 441 11.57 -26.20 39.85
CA HIS B 441 12.80 -26.58 39.17
C HIS B 441 13.10 -28.06 39.35
N LYS B 442 12.31 -28.74 40.19
CA LYS B 442 12.36 -30.18 40.36
C LYS B 442 11.39 -30.84 39.38
N TYR B 443 11.43 -32.17 39.31
CA TYR B 443 10.63 -32.91 38.35
C TYR B 443 9.80 -34.03 38.93
N THR B 444 9.96 -34.37 40.21
CA THR B 444 9.19 -35.45 40.83
C THR B 444 7.72 -35.13 40.98
N TYR B 445 7.33 -33.85 40.87
CA TYR B 445 5.92 -33.49 40.98
C TYR B 445 5.07 -34.13 39.90
N GLY B 446 5.67 -34.46 38.76
CA GLY B 446 4.91 -34.98 37.63
C GLY B 446 4.19 -33.94 36.81
N VAL B 447 4.30 -32.66 37.19
CA VAL B 447 3.62 -31.59 36.46
C VAL B 447 4.33 -31.21 35.18
N ARG B 448 5.43 -31.88 34.84
CA ARG B 448 6.17 -31.58 33.62
C ARG B 448 5.91 -32.59 32.51
N ALA B 449 5.94 -33.88 32.84
CA ALA B 449 5.76 -34.91 31.81
C ALA B 449 4.37 -34.83 31.19
N ILE B 450 3.34 -34.69 32.03
CA ILE B 450 1.97 -34.68 31.53
C ILE B 450 1.73 -33.45 30.66
N VAL B 451 2.22 -32.29 31.07
CA VAL B 451 2.01 -31.07 30.29
C VAL B 451 2.68 -31.21 28.93
N GLN B 452 3.89 -31.76 28.89
CA GLN B 452 4.57 -31.95 27.62
C GLN B 452 3.86 -32.98 26.75
N CYS B 453 3.27 -34.00 27.35
CA CYS B 453 2.65 -35.07 26.58
C CYS B 453 1.20 -34.78 26.20
N ILE B 454 0.60 -33.70 26.72
CA ILE B 454 -0.78 -33.38 26.34
C ILE B 454 -0.97 -33.24 24.83
N PRO B 455 -0.15 -32.48 24.09
CA PRO B 455 -0.38 -32.39 22.64
C PRO B 455 -0.30 -33.74 21.95
N ALA B 456 0.65 -34.58 22.35
CA ALA B 456 0.76 -35.91 21.77
C ALA B 456 -0.48 -36.74 22.05
N TRP B 457 -0.99 -36.67 23.28
CA TRP B 457 -2.18 -37.45 23.63
C TRP B 457 -3.38 -36.99 22.81
N LEU B 458 -3.58 -35.67 22.71
CA LEU B 458 -4.71 -35.16 21.93
C LEU B 458 -4.61 -35.60 20.47
N ARG B 459 -3.42 -35.45 19.89
CA ARG B 459 -3.24 -35.81 18.48
C ARG B 459 -3.45 -37.31 18.27
N PHE B 460 -2.94 -38.14 19.18
CA PHE B 460 -3.08 -39.59 19.05
C PHE B 460 -4.53 -40.02 19.18
N ILE B 461 -5.28 -39.44 20.13
CA ILE B 461 -6.68 -39.83 20.27
C ILE B 461 -7.49 -39.34 19.07
N GLN B 462 -7.12 -38.18 18.49
CA GLN B 462 -7.76 -37.74 17.26
C GLN B 462 -7.55 -38.74 16.14
N CYS B 463 -6.31 -39.20 15.99
CA CYS B 463 -6.03 -40.20 14.95
C CYS B 463 -6.79 -41.50 15.20
N LEU B 464 -6.88 -41.93 16.46
CA LEU B 464 -7.60 -43.16 16.77
C LEU B 464 -9.08 -43.04 16.44
N ARG B 465 -9.69 -41.89 16.78
CA ARG B 465 -11.09 -41.68 16.42
C ARG B 465 -11.27 -41.66 14.91
N ARG B 466 -10.33 -41.06 14.19
CA ARG B 466 -10.39 -41.09 12.73
C ARG B 466 -10.37 -42.51 12.20
N TYR B 467 -9.49 -43.36 12.76
CA TYR B 467 -9.43 -44.76 12.35
C TYR B 467 -10.75 -45.46 12.63
N ARG B 468 -11.31 -45.25 13.82
CA ARG B 468 -12.56 -45.90 14.17
C ARG B 468 -13.67 -45.49 13.22
N ASP B 469 -13.74 -44.20 12.89
CA ASP B 469 -14.77 -43.73 11.96
C ASP B 469 -14.58 -44.33 10.57
N THR B 470 -13.33 -44.39 10.09
CA THR B 470 -13.08 -44.87 8.74
C THR B 470 -13.03 -46.39 8.65
N LYS B 471 -12.74 -47.08 9.76
CA LYS B 471 -12.59 -48.54 9.79
C LYS B 471 -11.57 -49.00 8.74
N ARG B 472 -10.33 -48.53 8.92
CA ARG B 472 -9.25 -48.85 7.99
C ARG B 472 -7.94 -48.69 8.76
N ALA B 473 -7.23 -49.79 8.99
CA ALA B 473 -6.07 -49.77 9.87
C ALA B 473 -4.97 -48.86 9.32
N PHE B 474 -4.58 -49.06 8.07
CA PHE B 474 -3.53 -48.22 7.51
C PHE B 474 -4.13 -46.94 6.95
N PRO B 475 -3.47 -45.79 7.13
CA PRO B 475 -2.19 -45.57 7.84
C PRO B 475 -2.40 -45.10 9.27
N HIS B 476 -3.63 -45.21 9.78
CA HIS B 476 -3.98 -44.55 11.03
C HIS B 476 -3.33 -45.22 12.23
N LEU B 477 -3.24 -46.54 12.24
CA LEU B 477 -2.59 -47.22 13.37
C LEU B 477 -1.10 -46.88 13.41
N VAL B 478 -0.45 -46.85 12.25
CA VAL B 478 0.96 -46.46 12.19
C VAL B 478 1.12 -45.02 12.68
N ASN B 479 0.18 -44.15 12.27
CA ASN B 479 0.23 -42.76 12.72
C ASN B 479 0.07 -42.66 14.22
N ALA B 480 -0.83 -43.47 14.79
CA ALA B 480 -1.02 -43.49 16.24
C ALA B 480 0.23 -43.95 16.96
N GLY B 481 0.91 -44.97 16.42
CA GLY B 481 2.16 -45.39 17.01
C GLY B 481 3.22 -44.29 16.99
N LYS B 482 3.31 -43.56 15.88
CA LYS B 482 4.27 -42.47 15.80
C LYS B 482 3.96 -41.38 16.81
N TYR B 483 2.68 -41.07 16.99
CA TYR B 483 2.28 -40.11 18.00
C TYR B 483 2.45 -40.62 19.42
N SER B 484 2.46 -41.94 19.63
CA SER B 484 2.59 -42.50 20.97
C SER B 484 4.03 -42.74 21.40
N THR B 485 4.99 -42.75 20.46
CA THR B 485 6.38 -42.93 20.85
C THR B 485 6.84 -41.85 21.85
N THR B 486 6.28 -40.64 21.76
CA THR B 486 6.67 -39.57 22.68
C THR B 486 6.32 -39.92 24.11
N PHE B 487 5.27 -40.71 24.33
CA PHE B 487 4.93 -41.15 25.67
C PHE B 487 6.09 -41.93 26.30
N PHE B 488 6.58 -42.94 25.58
CA PHE B 488 7.73 -43.69 26.06
C PHE B 488 8.93 -42.78 26.27
N MET B 489 9.19 -41.91 25.29
CA MET B 489 10.31 -40.98 25.39
C MET B 489 10.29 -40.23 26.72
N VAL B 490 9.22 -39.46 26.95
CA VAL B 490 9.17 -38.58 28.11
C VAL B 490 9.13 -39.38 29.40
N THR B 491 8.34 -40.45 29.45
CA THR B 491 8.23 -41.23 30.68
C THR B 491 9.56 -41.85 31.07
N PHE B 492 10.29 -42.40 30.10
CA PHE B 492 11.57 -43.02 30.41
C PHE B 492 12.63 -41.98 30.76
N ALA B 493 12.58 -40.80 30.13
CA ALA B 493 13.48 -39.73 30.54
C ALA B 493 13.22 -39.34 31.99
N ALA B 494 11.95 -39.25 32.38
CA ALA B 494 11.62 -38.91 33.76
C ALA B 494 12.09 -40.00 34.72
N LEU B 495 11.91 -41.27 34.35
CA LEU B 495 12.40 -42.36 35.17
C LEU B 495 13.91 -42.26 35.39
N TYR B 496 14.65 -42.04 34.31
CA TYR B 496 16.10 -41.91 34.43
C TYR B 496 16.47 -40.74 35.33
N SER B 497 15.78 -39.61 35.17
CA SER B 497 16.12 -38.42 35.94
C SER B 497 15.87 -38.65 37.43
N THR B 498 14.70 -39.22 37.78
CA THR B 498 14.39 -39.43 39.18
C THR B 498 15.27 -40.51 39.81
N HIS B 499 15.64 -41.54 39.04
CA HIS B 499 16.51 -42.57 39.60
C HIS B 499 17.94 -42.06 39.74
N LYS B 500 18.37 -41.14 38.88
CA LYS B 500 19.65 -40.47 39.10
C LYS B 500 19.60 -39.59 40.33
N GLU B 501 18.47 -38.92 40.56
CA GLU B 501 18.29 -38.17 41.79
C GLU B 501 18.43 -39.06 43.02
N ARG B 502 17.75 -40.21 43.00
CA ARG B 502 17.87 -41.15 44.11
C ARG B 502 19.22 -41.85 44.14
N GLY B 503 19.95 -41.82 43.03
CA GLY B 503 21.27 -42.45 42.99
C GLY B 503 21.27 -43.95 43.12
N HIS B 504 20.31 -44.63 42.49
CA HIS B 504 20.27 -46.09 42.54
C HIS B 504 21.37 -46.69 41.68
N SER B 505 21.73 -47.93 42.00
CA SER B 505 22.82 -48.60 41.30
C SER B 505 22.44 -48.96 39.86
N ASP B 506 21.19 -49.36 39.64
CA ASP B 506 20.74 -49.80 38.34
C ASP B 506 20.25 -48.65 37.46
N THR B 507 20.31 -47.42 37.96
CA THR B 507 19.79 -46.27 37.22
C THR B 507 20.42 -46.16 35.84
N MET B 508 21.74 -46.31 35.76
CA MET B 508 22.45 -46.18 34.49
C MET B 508 21.90 -47.14 33.44
N VAL B 509 21.36 -48.28 33.87
CA VAL B 509 20.80 -49.24 32.93
C VAL B 509 19.69 -48.58 32.12
N PHE B 510 18.80 -47.85 32.79
CA PHE B 510 17.70 -47.20 32.09
C PHE B 510 18.20 -46.19 31.07
N PHE B 511 19.44 -45.74 31.17
CA PHE B 511 20.01 -44.87 30.15
C PHE B 511 20.09 -45.60 28.81
N TYR B 512 20.58 -46.84 28.82
CA TYR B 512 20.92 -47.55 27.59
C TYR B 512 19.75 -47.61 26.63
N LEU B 513 18.69 -48.34 27.03
CA LEU B 513 17.50 -48.44 26.20
C LEU B 513 16.92 -47.07 25.90
N TRP B 514 17.11 -46.10 26.81
CA TRP B 514 16.65 -44.75 26.54
C TRP B 514 17.20 -44.25 25.21
N ILE B 515 18.51 -44.36 25.02
CA ILE B 515 19.11 -43.93 23.76
C ILE B 515 18.48 -44.69 22.60
N VAL B 516 18.19 -45.98 22.80
CA VAL B 516 17.51 -46.75 21.78
C VAL B 516 16.18 -46.10 21.43
N PHE B 517 15.36 -45.82 22.44
CA PHE B 517 14.09 -45.17 22.14
C PHE B 517 14.27 -43.77 21.58
N TYR B 518 15.46 -43.18 21.72
CA TYR B 518 15.73 -41.94 20.99
C TYR B 518 15.71 -42.20 19.49
N ILE B 519 16.51 -43.19 19.04
CA ILE B 519 16.64 -43.43 17.62
C ILE B 519 15.30 -43.85 17.02
N ILE B 520 14.66 -44.85 17.64
CA ILE B 520 13.39 -45.35 17.18
C ILE B 520 12.32 -44.26 17.15
N SER B 521 12.60 -43.09 17.70
CA SER B 521 11.73 -41.94 17.45
C SER B 521 12.10 -41.30 16.11
N SER B 522 13.31 -40.73 16.03
CA SER B 522 13.65 -39.85 14.92
C SER B 522 13.57 -40.58 13.60
N CYS B 523 14.43 -41.58 13.40
CA CYS B 523 14.44 -42.36 12.18
C CYS B 523 13.06 -42.89 11.83
N TYR B 524 12.16 -42.97 12.81
CA TYR B 524 10.79 -43.37 12.52
C TYR B 524 10.01 -42.19 11.95
N THR B 525 9.86 -41.13 12.75
CA THR B 525 9.00 -40.02 12.33
C THR B 525 9.54 -39.34 11.08
N LEU B 526 10.87 -39.23 10.96
CA LEU B 526 11.47 -38.69 9.75
C LEU B 526 10.96 -39.43 8.53
N ILE B 527 10.91 -40.76 8.59
CA ILE B 527 10.38 -41.53 7.47
C ILE B 527 8.93 -41.16 7.21
N TRP B 528 8.13 -41.07 8.28
CA TRP B 528 6.74 -40.64 8.14
C TRP B 528 6.63 -39.24 7.56
N ASP B 529 7.68 -38.42 7.72
CA ASP B 529 7.68 -37.07 7.18
C ASP B 529 8.01 -37.04 5.69
N LEU B 530 8.51 -38.13 5.12
CA LEU B 530 8.98 -38.11 3.74
C LEU B 530 8.26 -39.11 2.84
N LYS B 531 7.31 -39.88 3.35
CA LYS B 531 6.58 -40.85 2.53
C LYS B 531 5.10 -40.52 2.42
N MET B 532 4.41 -40.34 3.54
CA MET B 532 2.98 -40.05 3.50
C MET B 532 2.68 -38.56 3.60
N ASP B 533 3.51 -37.80 4.32
CA ASP B 533 3.24 -36.37 4.49
C ASP B 533 3.52 -35.60 3.21
N TRP B 534 4.60 -35.92 2.52
CA TRP B 534 4.98 -35.22 1.30
C TRP B 534 4.93 -36.08 0.06
N GLY B 535 4.90 -37.40 0.20
CA GLY B 535 4.84 -38.28 -0.96
C GLY B 535 6.07 -38.24 -1.83
N LEU B 536 7.22 -37.89 -1.28
CA LEU B 536 8.45 -37.86 -2.06
C LEU B 536 9.05 -39.27 -2.10
N PHE B 537 10.24 -39.37 -2.72
CA PHE B 537 10.95 -40.65 -2.83
C PHE B 537 10.12 -41.70 -3.57
N ASP B 538 9.24 -41.25 -4.46
CA ASP B 538 8.30 -42.14 -5.11
C ASP B 538 9.01 -43.04 -6.12
N LYS B 539 8.38 -44.17 -6.42
CA LYS B 539 8.92 -45.11 -7.40
C LYS B 539 8.82 -44.59 -8.83
N ASN B 540 8.04 -43.53 -9.05
CA ASN B 540 7.85 -42.96 -10.39
C ASN B 540 8.48 -41.58 -10.50
N ALA B 541 9.63 -41.39 -9.87
CA ALA B 541 10.30 -40.10 -9.92
C ALA B 541 10.72 -39.75 -11.34
N GLY B 542 11.26 -40.72 -12.07
CA GLY B 542 11.62 -40.49 -13.47
C GLY B 542 12.76 -39.49 -13.60
N GLU B 543 12.53 -38.45 -14.40
CA GLU B 543 13.59 -37.48 -14.70
C GLU B 543 14.02 -36.71 -13.46
N ASN B 544 13.12 -36.49 -12.51
CA ASN B 544 13.42 -35.74 -11.29
C ASN B 544 13.79 -36.74 -10.21
N THR B 545 15.08 -37.07 -10.13
CA THR B 545 15.54 -38.03 -9.14
C THR B 545 15.30 -37.50 -7.73
N PHE B 546 14.84 -38.39 -6.84
CA PHE B 546 14.54 -38.11 -5.44
C PHE B 546 13.39 -37.13 -5.26
N LEU B 547 12.70 -36.75 -6.32
CA LEU B 547 11.60 -35.80 -6.25
C LEU B 547 10.33 -36.42 -6.84
N ARG B 548 9.29 -35.59 -6.96
CA ARG B 548 8.02 -35.99 -7.53
C ARG B 548 7.90 -35.50 -8.96
N GLU B 549 6.92 -36.06 -9.68
CA GLU B 549 6.71 -35.70 -11.08
C GLU B 549 6.34 -34.23 -11.23
N GLU B 550 5.20 -33.84 -10.67
CA GLU B 550 4.68 -32.48 -10.80
C GLU B 550 4.96 -31.71 -9.51
N ILE B 551 5.76 -30.66 -9.60
CA ILE B 551 6.06 -29.77 -8.50
C ILE B 551 5.70 -28.35 -8.90
N VAL B 552 4.90 -27.67 -8.07
CA VAL B 552 4.46 -26.32 -8.40
C VAL B 552 5.61 -25.33 -8.30
N TYR B 553 6.44 -25.47 -7.27
CA TYR B 553 7.53 -24.52 -7.06
C TYR B 553 8.61 -24.74 -8.11
N PRO B 554 9.10 -23.68 -8.77
CA PRO B 554 10.00 -23.87 -9.92
C PRO B 554 11.32 -24.54 -9.60
N GLN B 555 11.86 -24.33 -8.40
CA GLN B 555 13.22 -24.76 -8.08
C GLN B 555 13.20 -25.98 -7.16
N LYS B 556 14.02 -26.98 -7.51
CA LYS B 556 14.17 -28.16 -6.67
C LYS B 556 15.14 -27.94 -5.51
N ALA B 557 15.95 -26.88 -5.57
CA ALA B 557 16.88 -26.61 -4.48
C ALA B 557 16.15 -26.34 -3.17
N TYR B 558 14.92 -25.81 -3.25
CA TYR B 558 14.11 -25.67 -2.05
C TYR B 558 13.84 -27.02 -1.42
N TYR B 559 13.47 -28.01 -2.25
CA TYR B 559 13.25 -29.35 -1.75
C TYR B 559 14.54 -29.93 -1.17
N TYR B 560 15.68 -29.68 -1.82
CA TYR B 560 16.93 -30.21 -1.31
C TYR B 560 17.29 -29.61 0.04
N CYS B 561 17.11 -28.30 0.20
CA CYS B 561 17.45 -27.68 1.48
C CYS B 561 16.48 -28.12 2.57
N ALA B 562 15.20 -28.31 2.23
CA ALA B 562 14.28 -28.85 3.22
C ALA B 562 14.67 -30.25 3.64
N ILE B 563 15.06 -31.10 2.68
CA ILE B 563 15.42 -32.47 3.00
C ILE B 563 16.73 -32.55 3.77
N ILE B 564 17.60 -31.55 3.63
CA ILE B 564 18.83 -31.57 4.40
C ILE B 564 18.66 -30.93 5.78
N GLU B 565 17.65 -30.06 5.95
CA GLU B 565 17.46 -29.43 7.26
C GLU B 565 16.55 -30.25 8.18
N ASP B 566 15.57 -30.96 7.62
CA ASP B 566 14.58 -31.63 8.45
C ASP B 566 15.21 -32.72 9.30
N VAL B 567 16.20 -33.43 8.77
CA VAL B 567 16.85 -34.50 9.52
C VAL B 567 17.52 -33.94 10.77
N ILE B 568 18.19 -32.80 10.66
CA ILE B 568 18.83 -32.20 11.83
C ILE B 568 17.78 -31.66 12.80
N LEU B 569 16.76 -30.99 12.26
CA LEU B 569 15.78 -30.36 13.12
C LEU B 569 14.95 -31.35 13.92
N ARG B 570 14.69 -32.55 13.38
CA ARG B 570 13.96 -33.54 14.17
C ARG B 570 14.75 -34.02 15.38
N PHE B 571 16.05 -34.30 15.19
CA PHE B 571 16.91 -34.63 16.33
C PHE B 571 16.93 -33.49 17.33
N ALA B 572 17.03 -32.25 16.83
CA ALA B 572 17.06 -31.10 17.72
C ALA B 572 15.78 -31.02 18.56
N TRP B 573 14.62 -31.20 17.92
CA TRP B 573 13.36 -31.11 18.66
C TRP B 573 13.25 -32.21 19.71
N THR B 574 13.60 -33.45 19.34
CA THR B 574 13.44 -34.52 20.32
C THR B 574 14.41 -34.36 21.49
N ILE B 575 15.66 -33.95 21.22
CA ILE B 575 16.60 -33.76 22.32
C ILE B 575 16.19 -32.58 23.19
N GLN B 576 15.64 -31.53 22.58
CA GLN B 576 15.27 -30.35 23.36
C GLN B 576 14.06 -30.65 24.25
N ILE B 577 13.08 -31.41 23.74
CA ILE B 577 11.95 -31.76 24.60
C ILE B 577 12.39 -32.71 25.70
N SER B 578 13.29 -33.64 25.39
CA SER B 578 13.79 -34.55 26.42
C SER B 578 14.49 -33.77 27.53
N ILE B 579 15.38 -32.84 27.17
CA ILE B 579 16.11 -32.09 28.19
C ILE B 579 15.19 -31.13 28.93
N THR B 580 14.18 -30.58 28.26
CA THR B 580 13.24 -29.70 28.95
C THR B 580 12.44 -30.46 30.00
N SER B 581 12.00 -31.68 29.67
CA SER B 581 11.22 -32.45 30.62
C SER B 581 12.06 -33.21 31.64
N THR B 582 13.37 -33.34 31.43
CA THR B 582 14.21 -34.06 32.37
C THR B 582 15.07 -33.15 33.24
N THR B 583 15.40 -31.95 32.76
CA THR B 583 16.16 -30.94 33.50
C THR B 583 17.45 -31.52 34.10
N LEU B 584 18.29 -32.04 33.22
CA LEU B 584 19.69 -32.31 33.55
C LEU B 584 20.54 -31.15 33.05
N LEU B 585 21.87 -31.29 33.22
CA LEU B 585 22.80 -30.23 32.87
C LEU B 585 22.37 -28.94 33.57
N PRO B 586 22.58 -28.84 34.88
CA PRO B 586 21.92 -27.77 35.65
C PRO B 586 22.23 -26.37 35.15
N HIS B 587 23.42 -26.12 34.60
CA HIS B 587 23.76 -24.79 34.11
C HIS B 587 23.25 -24.58 32.68
N SER B 588 23.67 -25.42 31.75
CA SER B 588 23.41 -25.19 30.34
C SER B 588 22.07 -25.74 29.86
N GLY B 589 21.30 -26.42 30.72
CA GLY B 589 20.05 -26.99 30.27
C GLY B 589 19.05 -25.94 29.82
N ASP B 590 18.85 -24.90 30.64
CA ASP B 590 17.92 -23.85 30.26
C ASP B 590 18.40 -23.09 29.03
N ILE B 591 19.71 -22.85 28.94
CA ILE B 591 20.25 -22.14 27.79
C ILE B 591 20.02 -22.94 26.51
N ILE B 592 20.27 -24.25 26.56
CA ILE B 592 20.09 -25.08 25.38
C ILE B 592 18.62 -25.16 25.00
N ALA B 593 17.72 -25.23 26.00
CA ALA B 593 16.30 -25.25 25.70
C ALA B 593 15.87 -23.96 25.02
N THR B 594 16.30 -22.82 25.57
CA THR B 594 15.90 -21.54 25.01
C THR B 594 16.46 -21.33 23.60
N VAL B 595 17.71 -21.74 23.37
CA VAL B 595 18.29 -21.53 22.05
C VAL B 595 17.67 -22.47 21.02
N PHE B 596 17.31 -23.70 21.43
CA PHE B 596 16.69 -24.62 20.50
C PHE B 596 15.21 -24.37 20.27
N ALA B 597 14.56 -23.61 21.15
CA ALA B 597 13.12 -23.37 20.97
C ALA B 597 12.77 -22.72 19.65
N PRO B 598 13.41 -21.60 19.21
CA PRO B 598 13.03 -20.96 17.94
C PRO B 598 13.70 -21.59 16.71
N LEU B 599 13.72 -22.91 16.67
CA LEU B 599 14.14 -23.65 15.48
C LEU B 599 13.09 -24.66 15.04
N GLU B 600 12.45 -25.34 15.98
CA GLU B 600 11.36 -26.23 15.62
C GLU B 600 10.19 -25.45 15.00
N VAL B 601 10.04 -24.17 15.36
CA VAL B 601 9.01 -23.35 14.72
C VAL B 601 9.37 -23.11 13.26
N PHE B 602 10.65 -22.88 12.97
CA PHE B 602 11.07 -22.78 11.58
C PHE B 602 10.85 -24.09 10.84
N ARG B 603 11.10 -25.22 11.49
CA ARG B 603 10.80 -26.52 10.88
C ARG B 603 9.31 -26.65 10.57
N ARG B 604 8.46 -26.26 11.51
CA ARG B 604 7.01 -26.31 11.32
C ARG B 604 6.55 -25.35 10.22
N PHE B 605 7.23 -24.23 10.05
CA PHE B 605 6.96 -23.33 8.92
C PHE B 605 7.32 -23.95 7.58
N VAL B 606 8.54 -24.51 7.46
CA VAL B 606 8.94 -25.07 6.18
C VAL B 606 8.16 -26.34 5.86
N TRP B 607 7.63 -27.02 6.87
CA TRP B 607 6.87 -28.25 6.64
C TRP B 607 5.54 -27.98 5.95
N ASN B 608 4.88 -26.86 6.27
CA ASN B 608 3.53 -26.61 5.79
C ASN B 608 3.49 -26.41 4.28
N PHE B 609 4.46 -25.68 3.73
CA PHE B 609 4.56 -25.49 2.28
C PHE B 609 4.38 -26.82 1.55
N PHE B 610 5.27 -27.77 1.84
CA PHE B 610 5.27 -29.02 1.11
C PHE B 610 4.10 -29.91 1.52
N ARG B 611 3.63 -29.80 2.75
CA ARG B 611 2.45 -30.58 3.14
C ARG B 611 1.25 -30.20 2.26
N LEU B 612 0.97 -28.91 2.13
CA LEU B 612 -0.20 -28.54 1.34
C LEU B 612 0.04 -28.67 -0.16
N GLU B 613 1.28 -28.47 -0.64
CA GLU B 613 1.46 -28.69 -2.07
C GLU B 613 1.39 -30.17 -2.43
N ASN B 614 1.66 -31.06 -1.47
CA ASN B 614 1.43 -32.48 -1.69
C ASN B 614 -0.05 -32.83 -1.61
N GLU B 615 -0.78 -32.24 -0.66
CA GLU B 615 -2.19 -32.57 -0.51
C GLU B 615 -3.02 -32.05 -1.68
N HIS B 616 -2.65 -30.87 -2.21
CA HIS B 616 -3.46 -30.27 -3.28
C HIS B 616 -3.48 -31.14 -4.53
N LEU B 617 -2.33 -31.71 -4.90
CA LEU B 617 -2.29 -32.57 -6.08
C LEU B 617 -2.94 -33.92 -5.78
N ASN B 618 -2.39 -34.66 -4.83
CA ASN B 618 -2.99 -35.93 -4.39
C ASN B 618 -4.09 -35.59 -3.41
N ASN B 619 -5.30 -35.35 -3.94
CA ASN B 619 -6.44 -35.00 -3.09
C ASN B 619 -6.66 -36.07 -2.02
N CYS B 620 -6.99 -37.28 -2.45
CA CYS B 620 -7.09 -38.44 -1.57
C CYS B 620 -7.97 -38.19 -0.35
#